data_8DJC
#
_entry.id   8DJC
#
_cell.length_a   82.979
_cell.length_b   86.003
_cell.length_c   178.482
_cell.angle_alpha   90.000
_cell.angle_beta   90.000
_cell.angle_gamma   90.000
#
_symmetry.space_group_name_H-M   'P 21 21 21'
#
loop_
_entity.id
_entity.type
_entity.pdbx_description
1 polymer 'Glycogen synthase kinase-3 beta'
2 non-polymer (4S)-N-{4-[(2S)-2-methylmorpholin-4-yl]pyridin-3-yl}-2-phenylimidazo[1,2-b]pyridazine-8-carboxamide
3 water water
#
_entity_poly.entity_id   1
_entity_poly.type   'polypeptide(L)'
_entity_poly.pdbx_seq_one_letter_code
;MHSSHHHHHHSSGENLYFQGHMSGRPRTTSFAESCKPVQQPSAFGSMKVSRDKDGSKVTTVVATPGQGPDRPQEVSYTDT
KVIGNGSFGVVYQAKLCDSGELVAIKKVLQDKRFKNRELQIMRKLDHCNIVRLRYFFYSSGEKKDEVYLNLVLDYVPETV
YRVARHYSRAKQTLPVIYVKLYMYQLFRSLAYIHSFGICHRDIKPQNLLLDPDTAVLKLCDFGSAKQLVRGEPNVSYICS
RYYRAPELIFGATDYTSSIDVWSAGCVLAELLLGQPIFPGDSGVDQLVEIIKVLGTPTREQIREMNPNYTEFKFPQIKAH
PWTKVFRPRTPPEAIALCSRLLEYTPTARLTPLEACAHSFFDELRDPNVKLPNGRDTPALFNFTTQELSSNPPLATILIP
PHARIQAAASTPTNATAASDANTGDRGQTNNAASASASNST
;
_entity_poly.pdbx_strand_id   A,B
#
# COMPACT_ATOMS: atom_id res chain seq x y z
N SER A 56 13.15 15.99 36.92
CA SER A 56 13.32 16.10 35.46
C SER A 56 14.74 15.73 35.04
N LYS A 57 14.88 14.72 34.18
CA LYS A 57 16.19 14.27 33.70
C LYS A 57 16.76 15.23 32.64
N VAL A 58 18.00 15.69 32.83
CA VAL A 58 18.65 16.57 31.85
C VAL A 58 19.72 15.79 31.09
N THR A 59 19.67 15.83 29.76
CA THR A 59 20.66 15.15 28.94
C THR A 59 21.58 16.21 28.34
N THR A 60 22.89 16.05 28.49
CA THR A 60 23.84 16.99 27.93
C THR A 60 24.68 16.30 26.87
N VAL A 61 24.66 16.83 25.64
CA VAL A 61 25.39 16.22 24.53
C VAL A 61 26.32 17.25 23.89
N VAL A 62 27.28 16.79 23.07
CA VAL A 62 28.10 17.70 22.30
C VAL A 62 27.64 17.60 20.87
N ALA A 63 26.83 18.57 20.43
CA ALA A 63 26.18 18.53 19.13
C ALA A 63 26.73 19.50 18.13
N THR A 64 26.69 19.12 16.85
CA THR A 64 27.19 19.96 15.77
C THR A 64 26.04 20.76 15.21
N PRO A 65 26.16 22.08 15.07
CA PRO A 65 25.08 22.87 14.46
C PRO A 65 24.84 22.45 13.01
N GLY A 66 23.58 22.47 12.59
CA GLY A 66 23.16 22.05 11.28
C GLY A 66 23.67 22.91 10.16
N GLN A 67 23.33 24.19 10.21
CA GLN A 67 23.78 25.14 9.21
C GLN A 67 25.14 25.68 9.72
N GLY A 68 25.98 26.12 8.81
CA GLY A 68 27.26 26.68 9.18
C GLY A 68 28.38 25.66 9.37
N PRO A 69 29.63 26.19 9.48
CA PRO A 69 30.82 25.31 9.64
C PRO A 69 30.76 24.48 10.91
N ASP A 70 31.44 23.33 10.86
CA ASP A 70 31.47 22.34 11.91
C ASP A 70 32.11 22.76 13.23
N ARG A 71 31.33 23.41 14.09
CA ARG A 71 31.84 23.85 15.37
C ARG A 71 30.90 23.41 16.50
N PRO A 72 31.20 22.24 17.08
CA PRO A 72 30.31 21.68 18.11
C PRO A 72 30.15 22.46 19.40
N GLN A 73 29.03 22.22 20.07
CA GLN A 73 28.75 22.88 21.34
C GLN A 73 28.00 21.98 22.29
N GLU A 74 28.04 22.30 23.58
CA GLU A 74 27.31 21.54 24.57
C GLU A 74 25.84 21.95 24.45
N VAL A 75 24.95 20.97 24.36
CA VAL A 75 23.52 21.22 24.25
C VAL A 75 22.86 20.41 25.35
N SER A 76 22.00 21.06 26.14
CA SER A 76 21.29 20.38 27.22
C SER A 76 19.78 20.42 26.96
N TYR A 77 19.12 19.27 27.12
CA TYR A 77 17.68 19.20 26.91
C TYR A 77 16.99 18.34 27.96
N THR A 78 15.71 18.59 28.16
CA THR A 78 14.93 17.87 29.16
C THR A 78 13.48 17.58 28.68
N ASP A 79 12.62 16.99 29.54
CA ASP A 79 11.21 16.68 29.22
C ASP A 79 11.13 15.83 27.95
N THR A 80 12.03 14.86 27.82
CA THR A 80 12.12 13.99 26.67
C THR A 80 11.06 12.91 26.68
N LYS A 81 10.22 12.88 25.65
CA LYS A 81 9.17 11.88 25.51
C LYS A 81 9.08 11.39 24.08
N VAL A 82 8.64 10.13 23.87
CA VAL A 82 8.47 9.61 22.52
C VAL A 82 7.16 10.16 21.91
N ILE A 83 7.22 10.68 20.68
CA ILE A 83 6.03 11.18 19.98
C ILE A 83 5.76 10.43 18.65
N GLY A 84 6.69 9.59 18.21
CA GLY A 84 6.55 8.87 16.95
C GLY A 84 7.47 7.69 16.85
N ASN A 85 6.96 6.62 16.27
CA ASN A 85 7.71 5.38 16.13
C ASN A 85 7.28 4.73 14.84
N GLY A 86 8.24 4.30 14.05
CA GLY A 86 7.94 3.67 12.76
C GLY A 86 9.15 3.13 12.06
N SER A 87 9.00 2.87 10.75
CA SER A 87 10.09 2.36 9.94
C SER A 87 11.29 3.34 9.94
N PHE A 88 11.01 4.67 10.00
CA PHE A 88 12.00 5.74 10.06
C PHE A 88 12.93 5.64 11.27
N GLY A 89 12.36 5.29 12.41
CA GLY A 89 13.04 5.18 13.68
C GLY A 89 12.14 5.75 14.74
N VAL A 90 12.69 6.60 15.60
CA VAL A 90 11.92 7.19 16.69
C VAL A 90 12.02 8.70 16.66
N VAL A 91 10.91 9.40 16.88
CA VAL A 91 10.90 10.86 16.99
C VAL A 91 10.56 11.20 18.45
N TYR A 92 11.33 12.10 19.03
CA TYR A 92 11.14 12.51 20.41
C TYR A 92 10.77 13.97 20.46
N GLN A 93 10.17 14.38 21.57
CA GLN A 93 9.94 15.79 21.84
C GLN A 93 10.80 16.09 23.06
N ALA A 94 11.41 17.27 23.10
CA ALA A 94 12.28 17.67 24.21
C ALA A 94 12.31 19.20 24.33
N LYS A 95 12.75 19.72 25.46
CA LYS A 95 12.82 21.17 25.68
C LYS A 95 14.30 21.51 25.89
N LEU A 96 14.84 22.48 25.15
CA LEU A 96 16.21 22.90 25.33
C LEU A 96 16.28 23.68 26.66
N CYS A 97 17.19 23.31 27.58
CA CYS A 97 17.30 23.97 28.88
C CYS A 97 17.61 25.47 28.78
N ASP A 98 18.55 25.83 27.91
CA ASP A 98 18.95 27.23 27.77
C ASP A 98 17.78 28.13 27.37
N SER A 99 17.28 28.00 26.13
CA SER A 99 16.23 28.83 25.55
C SER A 99 14.80 28.48 25.97
N GLY A 100 14.58 27.25 26.40
CA GLY A 100 13.24 26.78 26.72
C GLY A 100 12.44 26.33 25.51
N GLU A 101 13.04 26.41 24.30
CA GLU A 101 12.39 26.03 23.04
C GLU A 101 12.14 24.55 22.89
N LEU A 102 11.02 24.20 22.23
CA LEU A 102 10.68 22.80 21.99
C LEU A 102 11.41 22.33 20.75
N VAL A 103 11.87 21.09 20.78
CA VAL A 103 12.55 20.49 19.65
C VAL A 103 12.03 19.09 19.42
N ALA A 104 12.19 18.62 18.20
CA ALA A 104 11.90 17.25 17.86
C ALA A 104 13.29 16.60 17.67
N ILE A 105 13.44 15.33 18.06
CA ILE A 105 14.69 14.62 17.87
C ILE A 105 14.40 13.36 17.10
N LYS A 106 14.84 13.29 15.83
CA LYS A 106 14.66 12.08 15.04
C LYS A 106 15.90 11.22 15.24
N LYS A 107 15.72 10.03 15.79
CA LYS A 107 16.84 9.12 16.03
C LYS A 107 16.81 7.98 15.03
N VAL A 108 17.85 7.82 14.23
CA VAL A 108 17.93 6.71 13.25
C VAL A 108 19.19 5.88 13.49
N LEU A 109 19.21 4.63 13.04
CA LEU A 109 20.39 3.79 13.15
C LEU A 109 21.41 4.22 12.08
N GLN A 110 22.61 4.60 12.51
CA GLN A 110 23.64 5.06 11.60
C GLN A 110 24.53 3.92 11.08
N ASP A 111 24.64 3.82 9.77
CA ASP A 111 25.48 2.85 9.10
C ASP A 111 26.93 3.32 9.24
N LYS A 112 27.84 2.40 9.64
CA LYS A 112 29.26 2.76 9.81
C LYS A 112 29.93 3.03 8.44
N ARG A 113 29.53 2.25 7.43
CA ARG A 113 30.03 2.28 6.04
C ARG A 113 29.86 3.59 5.28
N PHE A 114 28.79 4.37 5.53
CA PHE A 114 28.54 5.56 4.71
C PHE A 114 27.98 6.77 5.48
N LYS A 115 27.98 7.94 4.83
CA LYS A 115 27.43 9.18 5.38
C LYS A 115 25.89 9.15 5.20
N ASN A 116 25.14 9.67 6.20
CA ASN A 116 23.67 9.69 6.15
C ASN A 116 23.19 10.71 5.12
N ARG A 117 22.44 10.22 4.10
CA ARG A 117 21.94 11.08 3.01
C ARG A 117 20.97 12.14 3.49
N GLU A 118 20.11 11.80 4.48
CA GLU A 118 19.13 12.75 5.00
C GLU A 118 19.84 13.92 5.68
N LEU A 119 20.87 13.63 6.49
CA LEU A 119 21.68 14.63 7.16
C LEU A 119 22.38 15.56 6.15
N GLN A 120 23.00 14.98 5.08
CA GLN A 120 23.69 15.77 4.05
C GLN A 120 22.72 16.74 3.40
N ILE A 121 21.50 16.28 3.10
CA ILE A 121 20.47 17.12 2.47
C ILE A 121 20.00 18.20 3.43
N MET A 122 19.68 17.84 4.67
CA MET A 122 19.18 18.79 5.66
C MET A 122 20.13 19.87 6.06
N ARG A 123 21.44 19.57 6.05
CA ARG A 123 22.46 20.56 6.39
C ARG A 123 22.53 21.70 5.39
N LYS A 124 22.11 21.46 4.14
CA LYS A 124 22.15 22.51 3.15
C LYS A 124 20.77 23.17 2.88
N LEU A 125 19.71 22.84 3.65
CA LEU A 125 18.38 23.44 3.43
C LEU A 125 18.09 24.62 4.35
N ASP A 126 17.60 25.73 3.80
CA ASP A 126 17.27 26.91 4.58
C ASP A 126 16.04 27.57 3.98
N HIS A 127 14.85 27.22 4.49
CA HIS A 127 13.60 27.76 3.95
C HIS A 127 12.55 27.78 5.05
N CYS A 128 11.70 28.82 5.05
CA CYS A 128 10.65 29.04 6.05
C CYS A 128 9.57 27.94 6.07
N ASN A 129 9.46 27.17 4.96
CA ASN A 129 8.50 26.07 4.86
C ASN A 129 9.15 24.69 4.87
N ILE A 130 10.37 24.59 5.40
CA ILE A 130 11.05 23.32 5.57
C ILE A 130 11.53 23.28 7.01
N VAL A 131 11.31 22.16 7.71
CA VAL A 131 11.70 22.02 9.10
C VAL A 131 13.23 22.17 9.24
N ARG A 132 13.63 23.01 10.17
CA ARG A 132 15.02 23.38 10.38
C ARG A 132 15.81 22.44 11.26
N LEU A 133 16.98 22.02 10.77
CA LEU A 133 17.89 21.18 11.54
C LEU A 133 18.76 22.10 12.42
N ARG A 134 18.53 22.09 13.71
CA ARG A 134 19.28 22.92 14.66
C ARG A 134 20.65 22.35 14.92
N TYR A 135 20.71 21.05 15.32
CA TYR A 135 21.91 20.31 15.66
C TYR A 135 21.77 18.84 15.22
N PHE A 136 22.88 18.11 15.30
CA PHE A 136 22.94 16.68 15.11
C PHE A 136 24.03 16.13 16.01
N PHE A 137 23.85 14.92 16.50
CA PHE A 137 24.83 14.26 17.35
C PHE A 137 24.67 12.76 17.27
N TYR A 138 25.75 12.03 17.58
CA TYR A 138 25.73 10.58 17.55
C TYR A 138 25.59 10.05 18.95
N SER A 139 24.87 8.95 19.11
CA SER A 139 24.68 8.33 20.41
C SER A 139 24.73 6.80 20.32
N SER A 140 24.82 6.11 21.46
CA SER A 140 24.88 4.65 21.50
C SER A 140 23.90 4.16 22.53
N LYS A 144 22.77 -2.37 21.31
CA LYS A 144 24.10 -2.49 21.92
C LYS A 144 25.18 -2.58 20.83
N ASP A 145 26.28 -1.79 20.98
CA ASP A 145 27.44 -1.68 20.05
C ASP A 145 27.10 -1.01 18.69
N GLU A 146 25.86 -0.49 18.54
CA GLU A 146 25.40 0.20 17.33
C GLU A 146 25.33 1.72 17.57
N VAL A 147 25.61 2.51 16.53
CA VAL A 147 25.60 3.97 16.64
C VAL A 147 24.34 4.59 16.02
N TYR A 148 23.76 5.60 16.68
CA TYR A 148 22.58 6.28 16.17
C TYR A 148 22.87 7.72 15.83
N LEU A 149 22.26 8.23 14.76
CA LEU A 149 22.34 9.63 14.37
C LEU A 149 21.06 10.29 14.93
N ASN A 150 21.20 11.43 15.58
CA ASN A 150 20.08 12.14 16.18
C ASN A 150 19.97 13.49 15.52
N LEU A 151 18.84 13.79 14.90
CA LEU A 151 18.61 15.08 14.26
C LEU A 151 17.75 15.97 15.17
N VAL A 152 18.29 17.08 15.66
CA VAL A 152 17.55 18.00 16.53
C VAL A 152 16.90 19.06 15.64
N LEU A 153 15.58 18.97 15.46
CA LEU A 153 14.82 19.81 14.58
C LEU A 153 13.92 20.76 15.34
N ASP A 154 13.47 21.84 14.67
CA ASP A 154 12.49 22.77 15.25
C ASP A 154 11.15 22.02 15.43
N TYR A 155 10.55 22.14 16.60
CA TYR A 155 9.27 21.45 16.86
C TYR A 155 8.07 22.15 16.22
N VAL A 156 7.24 21.35 15.54
CA VAL A 156 5.99 21.79 14.91
C VAL A 156 4.93 20.81 15.46
N PRO A 157 3.87 21.33 16.11
CA PRO A 157 2.98 20.46 16.89
C PRO A 157 1.96 19.58 16.16
N GLU A 158 1.49 20.01 15.01
CA GLU A 158 0.45 19.28 14.28
C GLU A 158 0.91 18.83 12.90
N THR A 159 0.06 18.06 12.21
CA THR A 159 0.29 17.60 10.84
C THR A 159 -1.00 17.79 10.02
N VAL A 160 -0.87 17.88 8.68
CA VAL A 160 -2.05 17.97 7.82
C VAL A 160 -2.91 16.70 7.94
N TYR A 161 -2.29 15.54 8.19
CA TYR A 161 -2.98 14.28 8.37
C TYR A 161 -3.96 14.34 9.54
N ARG A 162 -3.48 14.80 10.71
CA ARG A 162 -4.26 14.90 11.93
C ARG A 162 -5.34 15.98 11.86
N VAL A 163 -5.03 17.13 11.26
CA VAL A 163 -6.03 18.20 11.10
C VAL A 163 -7.12 17.74 10.17
N ALA A 164 -6.76 17.22 8.97
CA ALA A 164 -7.76 16.72 8.03
C ALA A 164 -8.62 15.58 8.62
N ARG A 165 -8.06 14.77 9.51
CA ARG A 165 -8.77 13.66 10.13
C ARG A 165 -9.79 14.17 11.16
N HIS A 166 -9.50 15.29 11.85
CA HIS A 166 -10.47 15.94 12.77
C HIS A 166 -11.71 16.35 11.97
N TYR A 167 -11.48 16.94 10.79
CA TYR A 167 -12.56 17.38 9.96
C TYR A 167 -13.34 16.23 9.36
N SER A 168 -12.65 15.18 8.90
CA SER A 168 -13.30 14.01 8.31
C SER A 168 -14.22 13.32 9.32
N ARG A 169 -13.71 13.06 10.54
CA ARG A 169 -14.48 12.43 11.61
C ARG A 169 -15.67 13.30 12.02
N ALA A 170 -15.56 14.63 11.92
CA ALA A 170 -16.66 15.55 12.23
C ALA A 170 -17.57 15.84 11.02
N LYS A 171 -17.52 14.98 10.00
CA LYS A 171 -18.33 15.08 8.79
C LYS A 171 -18.27 16.46 8.12
N GLN A 172 -17.11 17.14 8.18
CA GLN A 172 -16.94 18.45 7.53
C GLN A 172 -15.59 18.60 6.79
N THR A 173 -15.41 19.72 6.06
CA THR A 173 -14.15 19.94 5.36
C THR A 173 -13.42 21.18 5.88
N LEU A 174 -12.12 21.17 5.73
CA LEU A 174 -11.25 22.24 6.15
C LEU A 174 -11.58 23.49 5.32
N PRO A 175 -11.81 24.63 5.99
CA PRO A 175 -12.08 25.88 5.25
C PRO A 175 -11.03 26.15 4.17
N VAL A 176 -11.50 26.48 2.97
CA VAL A 176 -10.68 26.70 1.79
C VAL A 176 -9.55 27.70 2.03
N ILE A 177 -9.67 28.64 3.01
CA ILE A 177 -8.58 29.56 3.31
C ILE A 177 -7.34 28.75 3.79
N TYR A 178 -7.55 27.69 4.56
CA TYR A 178 -6.49 26.83 5.02
C TYR A 178 -5.95 25.97 3.91
N VAL A 179 -6.81 25.42 3.04
CA VAL A 179 -6.40 24.62 1.87
C VAL A 179 -5.42 25.42 0.99
N LYS A 180 -5.71 26.71 0.73
CA LYS A 180 -4.84 27.61 -0.02
C LYS A 180 -3.53 27.87 0.74
N LEU A 181 -3.59 28.21 2.04
CA LEU A 181 -2.41 28.49 2.83
C LEU A 181 -1.46 27.28 2.87
N TYR A 182 -2.00 26.08 3.15
CA TYR A 182 -1.18 24.88 3.28
C TYR A 182 -0.62 24.45 1.96
N MET A 183 -1.47 24.46 0.91
CA MET A 183 -1.01 24.05 -0.40
C MET A 183 0.00 24.99 -0.98
N TYR A 184 -0.21 26.28 -0.80
CA TYR A 184 0.73 27.30 -1.27
C TYR A 184 2.12 27.11 -0.65
N GLN A 185 2.17 26.93 0.68
CA GLN A 185 3.41 26.75 1.41
C GLN A 185 4.08 25.43 1.07
N LEU A 186 3.31 24.38 0.72
CA LEU A 186 3.89 23.11 0.29
C LEU A 186 4.58 23.33 -1.06
N PHE A 187 3.92 24.04 -1.99
CA PHE A 187 4.49 24.32 -3.30
C PHE A 187 5.78 25.13 -3.20
N ARG A 188 5.86 26.09 -2.25
CA ARG A 188 7.09 26.87 -2.03
C ARG A 188 8.23 25.99 -1.60
N SER A 189 7.96 25.07 -0.66
CA SER A 189 8.96 24.14 -0.17
C SER A 189 9.50 23.22 -1.31
N LEU A 190 8.61 22.79 -2.22
CA LEU A 190 8.98 21.97 -3.37
C LEU A 190 9.75 22.81 -4.40
N ALA A 191 9.35 24.08 -4.64
CA ALA A 191 10.05 25.01 -5.55
C ALA A 191 11.51 25.18 -5.10
N TYR A 192 11.72 25.30 -3.79
CA TYR A 192 13.01 25.42 -3.18
C TYR A 192 13.87 24.16 -3.31
N ILE A 193 13.39 22.97 -2.82
CA ILE A 193 14.20 21.76 -2.92
C ILE A 193 14.47 21.39 -4.37
N HIS A 194 13.45 21.51 -5.27
CA HIS A 194 13.58 21.18 -6.69
C HIS A 194 14.59 22.08 -7.40
N SER A 195 14.82 23.32 -6.90
CA SER A 195 15.83 24.20 -7.49
C SER A 195 17.25 23.66 -7.29
N PHE A 196 17.48 22.78 -6.30
CA PHE A 196 18.76 22.12 -6.12
C PHE A 196 18.75 20.71 -6.72
N GLY A 197 17.71 20.35 -7.47
CA GLY A 197 17.57 19.01 -8.04
C GLY A 197 17.10 17.94 -7.07
N ILE A 198 16.79 18.32 -5.82
CA ILE A 198 16.34 17.40 -4.79
C ILE A 198 14.83 17.12 -4.87
N CYS A 199 14.50 15.83 -4.87
CA CYS A 199 13.14 15.33 -4.90
C CYS A 199 12.90 14.75 -3.52
N HIS A 200 11.77 15.12 -2.87
CA HIS A 200 11.42 14.63 -1.53
C HIS A 200 11.09 13.12 -1.59
N ARG A 201 10.30 12.72 -2.60
CA ARG A 201 9.91 11.34 -2.87
C ARG A 201 8.94 10.71 -1.83
N ASP A 202 8.41 11.49 -0.86
CA ASP A 202 7.46 10.94 0.11
C ASP A 202 6.46 12.00 0.59
N ILE A 203 5.90 12.76 -0.37
CA ILE A 203 4.92 13.77 -0.05
C ILE A 203 3.64 13.06 0.29
N LYS A 204 3.14 13.34 1.50
CA LYS A 204 1.91 12.77 2.05
C LYS A 204 1.53 13.65 3.25
N PRO A 205 0.22 13.64 3.65
CA PRO A 205 -0.24 14.52 4.73
C PRO A 205 0.50 14.40 6.07
N GLN A 206 1.03 13.22 6.44
CA GLN A 206 1.76 13.06 7.69
CA GLN A 206 1.76 13.06 7.69
C GLN A 206 3.07 13.84 7.69
N ASN A 207 3.70 14.02 6.51
CA ASN A 207 4.96 14.73 6.38
C ASN A 207 4.81 16.24 6.20
N LEU A 208 3.61 16.80 6.39
CA LEU A 208 3.33 18.23 6.28
C LEU A 208 3.00 18.77 7.66
N LEU A 209 4.01 19.27 8.39
CA LEU A 209 3.78 19.80 9.74
C LEU A 209 3.08 21.16 9.70
N LEU A 210 2.30 21.45 10.74
CA LEU A 210 1.53 22.68 10.87
C LEU A 210 1.61 23.25 12.25
N ASP A 211 1.69 24.57 12.33
CA ASP A 211 1.49 25.26 13.59
C ASP A 211 0.07 25.83 13.36
N PRO A 212 -0.93 25.31 14.08
CA PRO A 212 -2.32 25.75 13.83
C PRO A 212 -2.61 27.23 14.13
N ASP A 213 -1.86 27.82 15.09
CA ASP A 213 -2.09 29.22 15.46
C ASP A 213 -1.53 30.18 14.45
N THR A 214 -0.35 29.89 13.87
CA THR A 214 0.22 30.81 12.88
C THR A 214 -0.11 30.43 11.42
N ALA A 215 -0.69 29.23 11.19
CA ALA A 215 -1.02 28.65 9.88
C ALA A 215 0.24 28.37 9.03
N VAL A 216 1.41 28.17 9.70
CA VAL A 216 2.66 27.87 9.03
C VAL A 216 2.73 26.38 8.78
N LEU A 217 3.11 26.03 7.54
CA LEU A 217 3.31 24.66 7.11
C LEU A 217 4.83 24.44 6.92
N LYS A 218 5.36 23.29 7.38
CA LYS A 218 6.76 22.94 7.19
C LYS A 218 6.89 21.48 6.72
N LEU A 219 7.55 21.29 5.58
CA LEU A 219 7.82 19.97 5.03
C LEU A 219 8.86 19.29 5.91
N CYS A 220 8.58 18.03 6.25
CA CYS A 220 9.48 17.23 7.05
C CYS A 220 9.72 15.84 6.39
N ASP A 221 10.61 15.05 6.99
CA ASP A 221 11.00 13.70 6.60
C ASP A 221 11.77 13.63 5.29
N PHE A 222 13.07 13.84 5.37
CA PHE A 222 13.89 13.76 4.16
C PHE A 222 14.62 12.40 4.07
N GLY A 223 14.06 11.37 4.69
CA GLY A 223 14.60 10.00 4.69
C GLY A 223 14.58 9.34 3.33
N SER A 224 13.72 9.80 2.42
CA SER A 224 13.65 9.26 1.05
C SER A 224 14.20 10.23 0.01
N ALA A 225 14.48 11.49 0.39
CA ALA A 225 14.93 12.54 -0.50
C ALA A 225 16.23 12.17 -1.19
N LYS A 226 16.37 12.60 -2.43
CA LYS A 226 17.53 12.30 -3.23
C LYS A 226 17.72 13.34 -4.34
N GLN A 227 18.98 13.68 -4.64
CA GLN A 227 19.30 14.58 -5.75
C GLN A 227 19.11 13.75 -7.04
N LEU A 228 18.10 14.08 -7.86
CA LEU A 228 17.86 13.35 -9.09
C LEU A 228 18.72 13.93 -10.22
N VAL A 229 19.58 13.11 -10.80
CA VAL A 229 20.45 13.52 -11.88
C VAL A 229 19.98 12.83 -13.16
N ARG A 230 19.85 13.59 -14.27
CA ARG A 230 19.40 13.03 -15.55
C ARG A 230 20.32 11.88 -16.03
N GLY A 231 19.69 10.80 -16.50
CA GLY A 231 20.40 9.62 -16.95
C GLY A 231 20.79 8.66 -15.83
N GLU A 232 20.54 9.03 -14.57
CA GLU A 232 20.81 8.13 -13.47
C GLU A 232 19.53 7.44 -13.04
N PRO A 233 19.56 6.11 -12.86
CA PRO A 233 18.34 5.39 -12.45
C PRO A 233 18.07 5.56 -10.96
N ASN A 234 16.79 5.62 -10.60
CA ASN A 234 16.32 5.79 -9.22
C ASN A 234 15.35 4.69 -8.86
N VAL A 235 15.31 4.27 -7.59
CA VAL A 235 14.36 3.22 -7.18
C VAL A 235 12.89 3.67 -7.37
N SER A 236 12.04 2.73 -7.81
CA SER A 236 10.62 3.04 -8.01
C SER A 236 9.75 2.70 -6.79
N TYR A 237 10.33 2.13 -5.71
CA TYR A 237 9.56 1.71 -4.55
C TYR A 237 9.48 2.77 -3.43
N ILE A 238 9.86 4.03 -3.74
CA ILE A 238 9.68 5.10 -2.78
C ILE A 238 8.22 5.61 -2.90
N CYS A 239 7.79 6.46 -1.93
CA CYS A 239 6.47 7.10 -1.95
C CYS A 239 5.35 6.21 -1.40
N SER A 240 4.46 6.80 -0.61
CA SER A 240 3.40 6.05 0.05
C SER A 240 2.20 5.85 -0.79
N ARG A 241 1.50 4.68 -0.57
CA ARG A 241 0.24 4.30 -1.20
C ARG A 241 -0.76 5.45 -1.05
N TYR A 242 -1.48 5.75 -2.13
CA TYR A 242 -2.44 6.84 -2.37
C TYR A 242 -1.77 8.02 -3.05
N TYR A 243 -0.47 8.24 -2.83
CA TYR A 243 0.21 9.45 -3.33
C TYR A 243 1.24 9.21 -4.40
N ARG A 244 1.41 7.95 -4.86
CA ARG A 244 2.39 7.63 -5.89
C ARG A 244 1.91 8.05 -7.26
N ALA A 245 2.82 8.70 -8.02
CA ALA A 245 2.56 9.10 -9.41
C ALA A 245 2.43 7.83 -10.28
N PRO A 246 1.61 7.85 -11.36
CA PRO A 246 1.43 6.62 -12.16
C PRO A 246 2.72 6.06 -12.75
N GLU A 247 3.74 6.91 -13.04
CA GLU A 247 5.02 6.39 -13.54
C GLU A 247 5.69 5.52 -12.48
N LEU A 248 5.51 5.84 -11.18
CA LEU A 248 6.08 5.01 -10.09
C LEU A 248 5.33 3.68 -9.99
N ILE A 249 4.00 3.70 -10.17
CA ILE A 249 3.19 2.47 -10.17
C ILE A 249 3.64 1.57 -11.34
N PHE A 250 3.87 2.18 -12.51
CA PHE A 250 4.36 1.43 -13.68
C PHE A 250 5.84 1.00 -13.59
N GLY A 251 6.52 1.30 -12.48
CA GLY A 251 7.88 0.87 -12.26
C GLY A 251 9.00 1.64 -12.94
N ALA A 252 8.74 2.92 -13.29
CA ALA A 252 9.76 3.74 -13.91
C ALA A 252 10.88 4.04 -12.96
N THR A 253 12.12 3.99 -13.47
CA THR A 253 13.31 4.36 -12.71
C THR A 253 13.96 5.65 -13.27
N ASP A 254 13.34 6.29 -14.29
CA ASP A 254 13.81 7.49 -14.95
C ASP A 254 12.93 8.74 -14.66
N TYR A 255 12.10 8.67 -13.61
CA TYR A 255 11.20 9.73 -13.23
C TYR A 255 11.96 11.00 -12.78
N THR A 256 11.25 12.12 -12.81
CA THR A 256 11.74 13.43 -12.43
C THR A 256 11.11 13.88 -11.08
N SER A 257 11.36 15.13 -10.66
CA SER A 257 10.80 15.77 -9.48
C SER A 257 9.28 15.96 -9.58
N SER A 258 8.68 15.81 -10.78
CA SER A 258 7.25 15.94 -10.93
C SER A 258 6.48 14.84 -10.20
N ILE A 259 7.17 13.79 -9.67
CA ILE A 259 6.48 12.81 -8.84
C ILE A 259 5.95 13.53 -7.54
N ASP A 260 6.69 14.56 -7.06
CA ASP A 260 6.32 15.40 -5.92
C ASP A 260 5.11 16.25 -6.23
N VAL A 261 4.96 16.70 -7.47
CA VAL A 261 3.84 17.52 -7.90
C VAL A 261 2.55 16.68 -7.94
N TRP A 262 2.65 15.43 -8.43
CA TRP A 262 1.50 14.51 -8.41
C TRP A 262 1.08 14.25 -6.95
N SER A 263 2.05 13.96 -6.04
CA SER A 263 1.76 13.72 -4.63
C SER A 263 1.08 14.89 -3.98
N ALA A 264 1.52 16.12 -4.31
CA ALA A 264 0.92 17.35 -3.81
C ALA A 264 -0.51 17.52 -4.35
N GLY A 265 -0.75 17.13 -5.60
CA GLY A 265 -2.09 17.18 -6.21
C GLY A 265 -3.04 16.21 -5.53
N CYS A 266 -2.50 15.06 -5.06
CA CYS A 266 -3.27 14.07 -4.31
C CYS A 266 -3.66 14.64 -2.95
N VAL A 267 -2.77 15.42 -2.31
CA VAL A 267 -3.03 16.03 -1.01
C VAL A 267 -4.11 17.12 -1.19
N LEU A 268 -4.00 17.95 -2.25
CA LEU A 268 -4.98 19.00 -2.51
C LEU A 268 -6.37 18.41 -2.71
N ALA A 269 -6.50 17.42 -3.60
CA ALA A 269 -7.77 16.76 -3.87
C ALA A 269 -8.33 16.13 -2.60
N GLU A 270 -7.48 15.56 -1.75
CA GLU A 270 -7.91 14.94 -0.50
C GLU A 270 -8.46 15.97 0.50
N LEU A 271 -7.85 17.15 0.56
CA LEU A 271 -8.33 18.21 1.43
C LEU A 271 -9.70 18.73 0.97
N LEU A 272 -9.92 18.78 -0.36
CA LEU A 272 -11.18 19.21 -0.96
C LEU A 272 -12.28 18.15 -0.78
N LEU A 273 -11.95 16.86 -0.93
CA LEU A 273 -12.90 15.76 -0.84
C LEU A 273 -13.23 15.31 0.57
N GLY A 274 -12.24 15.32 1.44
CA GLY A 274 -12.36 14.80 2.80
C GLY A 274 -11.94 13.35 2.91
N GLN A 275 -11.33 12.81 1.83
CA GLN A 275 -10.84 11.42 1.73
C GLN A 275 -9.87 11.29 0.53
N PRO A 276 -9.01 10.26 0.52
CA PRO A 276 -8.08 10.09 -0.63
C PRO A 276 -8.78 9.97 -1.98
N ILE A 277 -8.25 10.66 -3.02
CA ILE A 277 -8.85 10.61 -4.35
C ILE A 277 -8.52 9.29 -5.10
N PHE A 278 -7.31 8.72 -4.89
CA PHE A 278 -6.95 7.47 -5.55
C PHE A 278 -6.57 6.36 -4.55
N PRO A 279 -7.52 5.82 -3.77
CA PRO A 279 -7.17 4.74 -2.85
C PRO A 279 -7.02 3.37 -3.54
N GLY A 280 -6.53 2.38 -2.81
CA GLY A 280 -6.35 1.03 -3.31
C GLY A 280 -5.16 0.39 -2.64
N ASP A 281 -5.27 -0.88 -2.29
CA ASP A 281 -4.18 -1.58 -1.62
C ASP A 281 -3.15 -2.21 -2.60
N SER A 282 -3.47 -2.21 -3.90
CA SER A 282 -2.53 -2.66 -4.91
C SER A 282 -2.37 -1.54 -5.96
N GLY A 283 -1.29 -1.62 -6.74
CA GLY A 283 -1.07 -0.70 -7.85
C GLY A 283 -2.14 -0.79 -8.90
N VAL A 284 -2.63 -2.01 -9.17
CA VAL A 284 -3.73 -2.20 -10.14
C VAL A 284 -5.04 -1.51 -9.64
N ASP A 285 -5.36 -1.61 -8.34
CA ASP A 285 -6.55 -0.92 -7.79
C ASP A 285 -6.39 0.59 -7.87
N GLN A 286 -5.20 1.13 -7.49
CA GLN A 286 -4.92 2.56 -7.55
C GLN A 286 -5.02 3.06 -9.00
N LEU A 287 -4.52 2.26 -9.99
CA LEU A 287 -4.57 2.62 -11.41
C LEU A 287 -6.01 2.68 -11.92
N VAL A 288 -6.89 1.85 -11.40
CA VAL A 288 -8.31 1.86 -11.74
C VAL A 288 -8.95 3.18 -11.25
N GLU A 289 -8.60 3.64 -10.04
CA GLU A 289 -9.15 4.90 -9.51
C GLU A 289 -8.64 6.11 -10.27
N ILE A 290 -7.37 6.05 -10.72
CA ILE A 290 -6.77 7.12 -11.51
C ILE A 290 -7.50 7.19 -12.86
N ILE A 291 -7.65 6.03 -13.54
CA ILE A 291 -8.33 5.93 -14.83
C ILE A 291 -9.79 6.40 -14.75
N LYS A 292 -10.52 6.10 -13.66
CA LYS A 292 -11.90 6.58 -13.50
C LYS A 292 -12.00 8.10 -13.59
N VAL A 293 -10.97 8.82 -13.14
CA VAL A 293 -11.00 10.27 -13.13
C VAL A 293 -10.36 10.88 -14.36
N LEU A 294 -9.16 10.44 -14.70
CA LEU A 294 -8.38 11.00 -15.78
C LEU A 294 -8.68 10.41 -17.16
N GLY A 295 -9.43 9.32 -17.21
CA GLY A 295 -9.66 8.59 -18.45
C GLY A 295 -8.52 7.63 -18.74
N THR A 296 -8.65 6.81 -19.80
CA THR A 296 -7.61 5.84 -20.15
C THR A 296 -6.38 6.53 -20.73
N PRO A 297 -5.18 6.18 -20.24
CA PRO A 297 -3.97 6.82 -20.78
C PRO A 297 -3.71 6.37 -22.23
N THR A 298 -3.43 7.35 -23.12
CA THR A 298 -3.13 7.09 -24.54
C THR A 298 -1.80 6.32 -24.66
N ARG A 299 -1.46 5.84 -25.87
CA ARG A 299 -0.18 5.15 -26.09
C ARG A 299 0.98 6.13 -25.83
N GLU A 300 0.83 7.40 -26.28
CA GLU A 300 1.82 8.45 -26.08
C GLU A 300 2.00 8.73 -24.58
N GLN A 301 0.88 8.81 -23.82
CA GLN A 301 0.90 9.02 -22.37
C GLN A 301 1.58 7.87 -21.63
N ILE A 302 1.29 6.62 -22.02
CA ILE A 302 1.92 5.46 -21.40
C ILE A 302 3.43 5.48 -21.68
N ARG A 303 3.82 5.89 -22.91
CA ARG A 303 5.23 5.99 -23.33
C ARG A 303 5.95 7.04 -22.49
N GLU A 304 5.29 8.20 -22.28
CA GLU A 304 5.79 9.33 -21.49
C GLU A 304 6.04 8.99 -20.00
N MET A 305 5.30 8.01 -19.45
CA MET A 305 5.49 7.59 -18.06
C MET A 305 5.92 6.13 -17.94
N HIS A 320 -13.70 11.37 -17.71
CA HIS A 320 -14.58 11.78 -16.62
C HIS A 320 -14.48 13.30 -16.34
N PRO A 321 -15.61 14.00 -16.14
CA PRO A 321 -15.53 15.45 -15.89
C PRO A 321 -15.06 15.74 -14.46
N TRP A 322 -13.93 16.44 -14.37
CA TRP A 322 -13.30 16.82 -13.11
C TRP A 322 -14.26 17.58 -12.19
N THR A 323 -15.25 18.29 -12.76
CA THR A 323 -16.20 19.05 -11.96
C THR A 323 -17.14 18.09 -11.20
N LYS A 324 -17.48 16.93 -11.81
CA LYS A 324 -18.31 15.90 -11.17
C LYS A 324 -17.60 15.14 -10.03
N VAL A 325 -16.27 15.34 -9.86
CA VAL A 325 -15.47 14.67 -8.84
C VAL A 325 -15.66 15.27 -7.44
N PHE A 326 -15.76 16.61 -7.35
CA PHE A 326 -15.86 17.27 -6.06
C PHE A 326 -17.29 17.70 -5.68
N ARG A 327 -17.51 18.07 -4.40
CA ARG A 327 -18.83 18.56 -3.95
C ARG A 327 -19.21 19.84 -4.72
N PRO A 328 -20.51 20.16 -4.86
CA PRO A 328 -20.91 21.31 -5.69
C PRO A 328 -20.32 22.67 -5.30
N ARG A 329 -20.15 22.94 -4.01
CA ARG A 329 -19.62 24.23 -3.56
C ARG A 329 -18.07 24.41 -3.71
N THR A 330 -17.38 23.42 -4.26
CA THR A 330 -15.92 23.47 -4.43
C THR A 330 -15.53 24.54 -5.41
N PRO A 331 -14.61 25.45 -5.04
CA PRO A 331 -14.21 26.52 -5.98
C PRO A 331 -13.69 25.98 -7.31
N PRO A 332 -14.12 26.56 -8.44
CA PRO A 332 -13.66 26.07 -9.74
C PRO A 332 -12.15 26.23 -9.96
N GLU A 333 -11.52 27.20 -9.29
CA GLU A 333 -10.06 27.43 -9.38
C GLU A 333 -9.29 26.25 -8.76
N ALA A 334 -9.84 25.67 -7.68
CA ALA A 334 -9.27 24.51 -6.99
C ALA A 334 -9.34 23.29 -7.89
N ILE A 335 -10.46 23.10 -8.61
CA ILE A 335 -10.63 22.00 -9.55
C ILE A 335 -9.66 22.13 -10.73
N ALA A 336 -9.50 23.36 -11.27
CA ALA A 336 -8.57 23.68 -12.36
C ALA A 336 -7.11 23.41 -11.94
N LEU A 337 -6.76 23.72 -10.67
CA LEU A 337 -5.42 23.43 -10.17
C LEU A 337 -5.19 21.91 -10.09
N CYS A 338 -6.17 21.10 -9.60
CA CYS A 338 -6.03 19.63 -9.58
C CYS A 338 -5.80 19.07 -10.96
N SER A 339 -6.56 19.53 -11.97
CA SER A 339 -6.40 19.01 -13.32
C SER A 339 -5.03 19.26 -13.91
N ARG A 340 -4.33 20.32 -13.45
CA ARG A 340 -2.98 20.68 -13.90
C ARG A 340 -1.86 20.01 -13.09
N LEU A 341 -2.17 19.44 -11.93
CA LEU A 341 -1.18 18.72 -11.13
C LEU A 341 -1.28 17.22 -11.45
N LEU A 342 -2.52 16.70 -11.48
CA LEU A 342 -2.78 15.29 -11.69
C LEU A 342 -2.94 14.95 -13.16
N GLU A 343 -1.82 14.94 -13.88
CA GLU A 343 -1.75 14.64 -15.31
C GLU A 343 -0.87 13.44 -15.54
N TYR A 344 -1.23 12.56 -16.51
CA TYR A 344 -0.41 11.39 -16.82
C TYR A 344 0.98 11.77 -17.27
N THR A 345 1.07 12.73 -18.22
CA THR A 345 2.37 13.15 -18.74
C THR A 345 3.15 13.94 -17.71
N PRO A 346 4.27 13.39 -17.23
CA PRO A 346 5.05 14.10 -16.20
C PRO A 346 5.47 15.51 -16.59
N THR A 347 5.80 15.74 -17.87
CA THR A 347 6.18 17.09 -18.32
C THR A 347 4.99 18.02 -18.47
N ALA A 348 3.76 17.51 -18.53
CA ALA A 348 2.58 18.38 -18.65
C ALA A 348 2.15 18.98 -17.31
N ARG A 349 2.57 18.41 -16.18
CA ARG A 349 2.20 18.90 -14.86
C ARG A 349 2.82 20.26 -14.60
N LEU A 350 2.16 21.09 -13.77
CA LEU A 350 2.69 22.38 -13.35
C LEU A 350 3.98 22.21 -12.58
N THR A 351 4.84 23.22 -12.61
CA THR A 351 6.03 23.18 -11.75
C THR A 351 5.51 23.73 -10.41
N PRO A 352 6.20 23.46 -9.28
CA PRO A 352 5.76 24.03 -8.00
C PRO A 352 5.57 25.56 -8.01
N LEU A 353 6.48 26.26 -8.71
CA LEU A 353 6.44 27.72 -8.82
C LEU A 353 5.25 28.17 -9.64
N GLU A 354 4.94 27.45 -10.73
CA GLU A 354 3.74 27.77 -11.51
C GLU A 354 2.47 27.49 -10.71
N ALA A 355 2.49 26.50 -9.81
CA ALA A 355 1.34 26.20 -8.98
C ALA A 355 1.12 27.36 -7.99
N CYS A 356 2.18 27.89 -7.36
CA CYS A 356 2.15 29.04 -6.46
C CYS A 356 1.42 30.24 -7.09
N ALA A 357 1.69 30.45 -8.39
CA ALA A 357 1.19 31.53 -9.22
C ALA A 357 -0.24 31.35 -9.74
N HIS A 358 -0.87 30.19 -9.46
CA HIS A 358 -2.21 29.84 -9.93
C HIS A 358 -3.26 30.76 -9.32
N SER A 359 -4.38 30.97 -10.02
CA SER A 359 -5.46 31.83 -9.53
C SER A 359 -6.13 31.30 -8.25
N PHE A 360 -5.99 30.00 -7.94
CA PHE A 360 -6.52 29.45 -6.69
C PHE A 360 -5.88 30.14 -5.46
N PHE A 361 -4.62 30.63 -5.59
CA PHE A 361 -3.95 31.30 -4.48
C PHE A 361 -4.08 32.84 -4.49
N ASP A 362 -4.90 33.43 -5.40
CA ASP A 362 -5.06 34.89 -5.48
C ASP A 362 -5.51 35.53 -4.16
N GLU A 363 -6.41 34.88 -3.43
CA GLU A 363 -6.88 35.35 -2.12
C GLU A 363 -5.70 35.60 -1.14
N LEU A 364 -4.63 34.79 -1.20
CA LEU A 364 -3.47 34.97 -0.31
C LEU A 364 -2.67 36.24 -0.66
N ARG A 365 -2.73 36.66 -1.92
CA ARG A 365 -2.07 37.87 -2.38
C ARG A 365 -2.88 39.17 -2.12
N ASP A 366 -4.07 39.06 -1.53
CA ASP A 366 -4.89 40.23 -1.21
C ASP A 366 -4.30 40.90 0.02
N PRO A 367 -4.05 42.23 -0.02
CA PRO A 367 -3.47 42.92 1.15
C PRO A 367 -4.36 42.90 2.39
N ASN A 368 -5.66 42.69 2.23
CA ASN A 368 -6.57 42.66 3.37
C ASN A 368 -6.81 41.25 3.96
N VAL A 369 -6.17 40.21 3.42
CA VAL A 369 -6.36 38.84 3.90
C VAL A 369 -5.83 38.66 5.35
N LYS A 370 -6.61 37.96 6.17
CA LYS A 370 -6.27 37.65 7.55
C LYS A 370 -6.66 36.20 7.86
N LEU A 371 -6.09 35.63 8.93
CA LEU A 371 -6.45 34.27 9.34
C LEU A 371 -7.83 34.33 10.03
N PRO A 372 -8.60 33.22 10.05
CA PRO A 372 -9.88 33.23 10.79
C PRO A 372 -9.75 33.61 12.27
N ASN A 373 -8.57 33.39 12.87
CA ASN A 373 -8.33 33.79 14.25
C ASN A 373 -7.95 35.28 14.43
N GLY A 374 -8.07 36.08 13.37
CA GLY A 374 -7.75 37.49 13.43
C GLY A 374 -6.30 37.86 13.15
N ARG A 375 -5.36 36.91 13.33
CA ARG A 375 -3.93 37.18 13.09
C ARG A 375 -3.59 37.42 11.61
N ASP A 376 -2.40 37.97 11.33
CA ASP A 376 -1.96 38.16 9.93
C ASP A 376 -1.52 36.79 9.38
N THR A 377 -1.56 36.62 8.05
CA THR A 377 -1.10 35.39 7.44
C THR A 377 0.43 35.30 7.59
N PRO A 378 0.99 34.08 7.58
CA PRO A 378 2.47 33.97 7.67
C PRO A 378 3.19 34.57 6.45
N ALA A 379 4.53 34.54 6.45
CA ALA A 379 5.34 35.06 5.34
C ALA A 379 5.10 34.23 4.08
N LEU A 380 4.64 34.86 3.02
CA LEU A 380 4.31 34.14 1.79
C LEU A 380 5.06 34.64 0.57
N PHE A 381 5.71 35.81 0.65
CA PHE A 381 6.31 36.46 -0.51
C PHE A 381 7.79 36.77 -0.41
N ASN A 382 8.46 36.28 0.62
CA ASN A 382 9.87 36.49 0.80
C ASN A 382 10.67 35.52 -0.10
N PHE A 383 10.43 35.56 -1.41
CA PHE A 383 11.11 34.70 -2.36
C PHE A 383 12.56 35.10 -2.56
N THR A 384 13.46 34.09 -2.68
CA THR A 384 14.87 34.34 -2.98
C THR A 384 15.12 34.09 -4.48
N THR A 385 16.30 34.50 -5.01
CA THR A 385 16.67 34.27 -6.41
C THR A 385 16.72 32.75 -6.68
N GLN A 386 17.25 31.96 -5.72
CA GLN A 386 17.33 30.50 -5.80
C GLN A 386 15.94 29.89 -5.97
N GLU A 387 14.98 30.36 -5.19
CA GLU A 387 13.60 29.87 -5.20
C GLU A 387 12.91 30.15 -6.53
N LEU A 388 13.19 31.32 -7.12
CA LEU A 388 12.57 31.74 -8.38
C LEU A 388 13.30 31.26 -9.64
N SER A 389 14.52 30.71 -9.51
CA SER A 389 15.39 30.31 -10.62
C SER A 389 14.74 29.51 -11.76
N SER A 390 13.74 28.68 -11.45
CA SER A 390 13.04 27.91 -12.48
C SER A 390 12.30 28.81 -13.49
N ASN A 391 11.81 29.98 -13.05
CA ASN A 391 11.07 30.90 -13.90
C ASN A 391 11.06 32.30 -13.27
N PRO A 392 12.18 33.05 -13.38
CA PRO A 392 12.24 34.40 -12.77
C PRO A 392 11.09 35.36 -13.12
N PRO A 393 10.55 35.43 -14.37
CA PRO A 393 9.40 36.34 -14.63
C PRO A 393 8.16 36.11 -13.76
N LEU A 394 8.04 34.94 -13.11
CA LEU A 394 6.88 34.67 -12.25
C LEU A 394 6.82 35.60 -11.02
N ALA A 395 7.95 36.27 -10.66
CA ALA A 395 8.01 37.21 -9.53
C ALA A 395 6.97 38.33 -9.65
N THR A 396 6.59 38.71 -10.89
CA THR A 396 5.60 39.76 -11.10
C THR A 396 4.20 39.37 -10.56
N ILE A 397 3.92 38.06 -10.44
CA ILE A 397 2.67 37.57 -9.88
C ILE A 397 2.87 37.26 -8.39
N LEU A 398 3.93 36.48 -8.08
CA LEU A 398 4.28 35.96 -6.78
C LEU A 398 4.53 36.98 -5.68
N ILE A 399 5.14 38.12 -6.00
CA ILE A 399 5.41 39.19 -5.02
C ILE A 399 4.43 40.32 -5.37
N PRO A 400 3.27 40.38 -4.67
CA PRO A 400 2.24 41.38 -5.00
C PRO A 400 2.67 42.82 -4.68
N PRO A 401 2.01 43.85 -5.29
CA PRO A 401 2.42 45.24 -5.04
C PRO A 401 2.60 45.65 -3.58
N HIS A 402 1.66 45.25 -2.68
CA HIS A 402 1.77 45.58 -1.27
C HIS A 402 2.95 44.93 -0.57
N ALA A 403 3.49 43.83 -1.11
CA ALA A 403 4.61 43.15 -0.49
C ALA A 403 5.90 43.90 -0.76
N SER B 56 -40.88 -10.03 -2.38
CA SER B 56 -39.50 -10.33 -2.76
C SER B 56 -39.33 -10.31 -4.30
N LYS B 57 -38.37 -9.52 -4.81
CA LYS B 57 -38.14 -9.44 -6.25
C LYS B 57 -37.39 -10.67 -6.78
N VAL B 58 -37.92 -11.28 -7.83
CA VAL B 58 -37.29 -12.44 -8.45
C VAL B 58 -36.66 -12.05 -9.80
N THR B 59 -35.37 -12.35 -9.98
CA THR B 59 -34.70 -12.08 -11.24
C THR B 59 -34.51 -13.40 -11.97
N THR B 60 -34.91 -13.47 -13.24
CA THR B 60 -34.73 -14.68 -14.04
C THR B 60 -33.81 -14.39 -15.20
N VAL B 61 -32.70 -15.13 -15.28
CA VAL B 61 -31.72 -14.91 -16.34
C VAL B 61 -31.48 -16.23 -17.11
N VAL B 62 -30.88 -16.15 -18.30
CA VAL B 62 -30.51 -17.34 -19.03
C VAL B 62 -28.99 -17.39 -18.93
N ALA B 63 -28.49 -18.25 -18.04
CA ALA B 63 -27.07 -18.33 -17.73
C ALA B 63 -26.40 -19.56 -18.28
N THR B 64 -25.11 -19.43 -18.61
CA THR B 64 -24.32 -20.54 -19.12
C THR B 64 -23.61 -21.21 -17.95
N PRO B 65 -23.68 -22.54 -17.81
CA PRO B 65 -22.95 -23.20 -16.71
C PRO B 65 -21.44 -23.02 -16.87
N GLY B 66 -20.76 -22.80 -15.76
CA GLY B 66 -19.34 -22.50 -15.75
C GLY B 66 -18.42 -23.62 -16.16
N GLN B 67 -18.62 -24.80 -15.59
CA GLN B 67 -17.76 -25.94 -15.85
C GLN B 67 -18.01 -26.77 -17.12
N GLY B 68 -19.23 -27.24 -17.38
CA GLY B 68 -19.49 -28.13 -18.50
C GLY B 68 -19.63 -27.50 -19.87
N PRO B 69 -20.17 -28.29 -20.83
CA PRO B 69 -20.40 -27.76 -22.19
C PRO B 69 -21.45 -26.64 -22.21
N ASP B 70 -21.32 -25.73 -23.16
CA ASP B 70 -22.18 -24.55 -23.30
C ASP B 70 -23.67 -24.85 -23.57
N ARG B 71 -24.45 -25.14 -22.51
CA ARG B 71 -25.87 -25.49 -22.55
C ARG B 71 -26.65 -24.56 -21.60
N PRO B 72 -27.03 -23.34 -22.04
CA PRO B 72 -27.67 -22.39 -21.12
C PRO B 72 -28.95 -22.86 -20.47
N GLN B 73 -29.25 -22.29 -19.32
CA GLN B 73 -30.45 -22.60 -18.57
C GLN B 73 -31.02 -21.41 -17.87
N GLU B 74 -32.31 -21.48 -17.54
CA GLU B 74 -32.97 -20.41 -16.83
C GLU B 74 -32.55 -20.52 -15.38
N VAL B 75 -32.11 -19.41 -14.81
CA VAL B 75 -31.70 -19.36 -13.42
C VAL B 75 -32.50 -18.24 -12.75
N SER B 76 -33.19 -18.56 -11.66
CA SER B 76 -33.99 -17.58 -10.94
C SER B 76 -33.45 -17.36 -9.53
N TYR B 77 -33.27 -16.10 -9.14
CA TYR B 77 -32.74 -15.79 -7.83
C TYR B 77 -33.45 -14.60 -7.17
N THR B 78 -33.39 -14.53 -5.85
CA THR B 78 -34.06 -13.49 -5.05
C THR B 78 -33.18 -13.12 -3.83
N ASP B 79 -33.62 -12.17 -2.97
CA ASP B 79 -32.91 -11.73 -1.76
C ASP B 79 -31.51 -11.22 -2.09
N THR B 80 -31.42 -10.44 -3.19
CA THR B 80 -30.18 -9.90 -3.68
C THR B 80 -29.73 -8.70 -2.88
N LYS B 81 -28.56 -8.80 -2.25
CA LYS B 81 -28.00 -7.71 -1.46
C LYS B 81 -26.51 -7.54 -1.75
N VAL B 82 -25.98 -6.32 -1.59
CA VAL B 82 -24.56 -6.07 -1.82
C VAL B 82 -23.76 -6.55 -0.60
N ILE B 83 -22.68 -7.31 -0.83
CA ILE B 83 -21.82 -7.80 0.26
C ILE B 83 -20.36 -7.31 0.12
N GLY B 84 -19.97 -6.83 -1.05
CA GLY B 84 -18.64 -6.33 -1.33
C GLY B 84 -18.67 -5.30 -2.44
N ASN B 85 -17.81 -4.28 -2.34
CA ASN B 85 -17.72 -3.18 -3.30
C ASN B 85 -16.27 -2.72 -3.33
N GLY B 86 -15.71 -2.57 -4.52
CA GLY B 86 -14.33 -2.16 -4.66
C GLY B 86 -13.93 -1.88 -6.08
N SER B 87 -12.63 -1.83 -6.32
CA SER B 87 -12.04 -1.61 -7.64
C SER B 87 -12.54 -2.67 -8.63
N PHE B 88 -12.62 -3.94 -8.15
CA PHE B 88 -13.10 -5.09 -8.90
C PHE B 88 -14.49 -4.82 -9.50
N GLY B 89 -15.42 -4.37 -8.67
CA GLY B 89 -16.80 -4.12 -9.02
C GLY B 89 -17.65 -4.37 -7.79
N VAL B 90 -18.71 -5.17 -7.91
CA VAL B 90 -19.58 -5.48 -6.78
C VAL B 90 -19.79 -6.97 -6.63
N VAL B 91 -19.74 -7.49 -5.39
CA VAL B 91 -20.08 -8.87 -5.08
C VAL B 91 -21.45 -8.82 -4.40
N TYR B 92 -22.39 -9.64 -4.87
CA TYR B 92 -23.73 -9.70 -4.30
C TYR B 92 -23.95 -11.05 -3.65
N GLN B 93 -24.91 -11.11 -2.76
CA GLN B 93 -25.38 -12.37 -2.20
C GLN B 93 -26.80 -12.53 -2.72
N ALA B 94 -27.21 -13.74 -3.05
CA ALA B 94 -28.55 -14.01 -3.56
C ALA B 94 -28.94 -15.46 -3.25
N LYS B 95 -30.23 -15.77 -3.28
CA LYS B 95 -30.74 -17.09 -2.99
C LYS B 95 -31.37 -17.63 -4.28
N LEU B 96 -30.96 -18.83 -4.72
CA LEU B 96 -31.57 -19.44 -5.90
C LEU B 96 -32.99 -19.89 -5.50
N CYS B 97 -34.02 -19.47 -6.25
CA CYS B 97 -35.42 -19.81 -5.94
C CYS B 97 -35.68 -21.31 -5.86
N ASP B 98 -35.19 -22.06 -6.86
CA ASP B 98 -35.48 -23.48 -6.92
C ASP B 98 -34.94 -24.24 -5.67
N SER B 99 -33.62 -24.33 -5.52
CA SER B 99 -32.94 -25.05 -4.47
C SER B 99 -32.87 -24.37 -3.12
N GLY B 100 -32.99 -23.05 -3.11
CA GLY B 100 -32.85 -22.28 -1.88
C GLY B 100 -31.41 -22.00 -1.51
N GLU B 101 -30.43 -22.48 -2.30
CA GLU B 101 -29.00 -22.31 -2.06
C GLU B 101 -28.51 -20.87 -2.20
N LEU B 102 -27.54 -20.51 -1.38
CA LEU B 102 -26.96 -19.18 -1.42
C LEU B 102 -25.87 -19.15 -2.49
N VAL B 103 -25.79 -18.02 -3.20
CA VAL B 103 -24.77 -17.81 -4.21
C VAL B 103 -24.17 -16.43 -4.04
N ALA B 104 -22.95 -16.27 -4.54
CA ALA B 104 -22.33 -14.96 -4.61
C ALA B 104 -22.37 -14.58 -6.10
N ILE B 105 -22.56 -13.30 -6.42
CA ILE B 105 -22.58 -12.86 -7.81
C ILE B 105 -21.56 -11.75 -7.95
N LYS B 106 -20.45 -12.00 -8.66
CA LYS B 106 -19.45 -10.97 -8.89
C LYS B 106 -19.82 -10.28 -10.19
N LYS B 107 -20.15 -8.99 -10.14
CA LYS B 107 -20.51 -8.24 -11.33
C LYS B 107 -19.39 -7.29 -11.72
N VAL B 108 -18.81 -7.46 -12.90
CA VAL B 108 -17.74 -6.58 -13.38
C VAL B 108 -18.12 -5.95 -14.72
N LEU B 109 -17.52 -4.81 -15.06
CA LEU B 109 -17.76 -4.16 -16.33
C LEU B 109 -17.02 -4.93 -17.43
N GLN B 110 -17.73 -5.41 -18.47
CA GLN B 110 -17.12 -6.20 -19.55
C GLN B 110 -16.61 -5.35 -20.73
N ASP B 111 -15.32 -5.46 -21.02
CA ASP B 111 -14.66 -4.79 -22.14
C ASP B 111 -15.23 -5.37 -23.45
N LYS B 112 -15.64 -4.50 -24.38
CA LYS B 112 -16.19 -4.96 -25.65
C LYS B 112 -15.11 -5.63 -26.53
N ARG B 113 -13.89 -5.05 -26.49
CA ARG B 113 -12.70 -5.45 -27.24
C ARG B 113 -12.19 -6.88 -27.03
N PHE B 114 -12.32 -7.45 -25.80
CA PHE B 114 -11.72 -8.76 -25.55
C PHE B 114 -12.55 -9.67 -24.61
N LYS B 115 -12.12 -10.94 -24.47
CA LYS B 115 -12.76 -11.89 -23.56
C LYS B 115 -12.21 -11.65 -22.13
N ASN B 116 -13.07 -11.83 -21.10
CA ASN B 116 -12.66 -11.63 -19.70
C ASN B 116 -11.70 -12.73 -19.24
N ARG B 117 -10.49 -12.34 -18.83
CA ARG B 117 -9.45 -13.28 -18.39
C ARG B 117 -9.84 -14.08 -17.15
N GLU B 118 -10.53 -13.45 -16.19
CA GLU B 118 -10.94 -14.13 -14.97
C GLU B 118 -11.94 -15.25 -15.32
N LEU B 119 -12.88 -14.97 -16.24
CA LEU B 119 -13.87 -15.94 -16.70
C LEU B 119 -13.19 -17.11 -17.42
N GLN B 120 -12.21 -16.85 -18.30
CA GLN B 120 -11.49 -17.91 -19.01
C GLN B 120 -10.78 -18.83 -18.02
N ILE B 121 -10.16 -18.25 -16.98
CA ILE B 121 -9.46 -19.01 -15.96
C ILE B 121 -10.43 -19.83 -15.11
N MET B 122 -11.51 -19.21 -14.66
CA MET B 122 -12.48 -19.87 -13.80
C MET B 122 -13.23 -21.00 -14.46
N ARG B 123 -13.46 -20.91 -15.77
CA ARG B 123 -14.16 -21.95 -16.51
C ARG B 123 -13.38 -23.26 -16.53
N LYS B 124 -12.04 -23.19 -16.44
CA LYS B 124 -11.24 -24.39 -16.48
C LYS B 124 -10.79 -24.89 -15.08
N LEU B 125 -11.23 -24.27 -13.98
CA LEU B 125 -10.82 -24.70 -12.64
C LEU B 125 -11.86 -25.55 -11.96
N ASP B 126 -11.43 -26.66 -11.35
CA ASP B 126 -12.32 -27.57 -10.63
C ASP B 126 -11.55 -28.16 -9.44
N HIS B 127 -11.63 -27.51 -8.27
CA HIS B 127 -10.93 -27.96 -7.05
C HIS B 127 -11.78 -27.71 -5.82
N CYS B 128 -11.62 -28.56 -4.79
CA CYS B 128 -12.37 -28.48 -3.54
C CYS B 128 -11.99 -27.22 -2.73
N ASN B 129 -10.78 -26.66 -2.96
CA ASN B 129 -10.32 -25.46 -2.26
C ASN B 129 -10.30 -24.22 -3.15
N ILE B 130 -11.11 -24.22 -4.19
CA ILE B 130 -11.25 -23.09 -5.08
C ILE B 130 -12.74 -22.88 -5.24
N VAL B 131 -13.18 -21.62 -5.16
CA VAL B 131 -14.58 -21.27 -5.27
C VAL B 131 -15.09 -21.65 -6.67
N ARG B 132 -16.25 -22.29 -6.71
CA ARG B 132 -16.80 -22.82 -7.94
C ARG B 132 -17.66 -21.85 -8.71
N LEU B 133 -17.37 -21.70 -10.01
CA LEU B 133 -18.19 -20.93 -10.90
C LEU B 133 -19.39 -21.83 -11.31
N ARG B 134 -20.59 -21.46 -10.86
CA ARG B 134 -21.80 -22.20 -11.18
C ARG B 134 -22.30 -21.81 -12.57
N TYR B 135 -22.48 -20.50 -12.79
CA TYR B 135 -22.98 -19.93 -14.02
C TYR B 135 -22.32 -18.58 -14.30
N PHE B 136 -22.53 -18.07 -15.50
CA PHE B 136 -22.15 -16.75 -15.89
C PHE B 136 -23.19 -16.24 -16.88
N PHE B 137 -23.43 -14.92 -16.86
CA PHE B 137 -24.38 -14.28 -17.75
C PHE B 137 -24.00 -12.81 -17.91
N TYR B 138 -24.41 -12.23 -19.04
CA TYR B 138 -24.17 -10.82 -19.30
C TYR B 138 -25.42 -10.02 -19.02
N SER B 139 -25.24 -8.81 -18.51
CA SER B 139 -26.37 -7.94 -18.19
C SER B 139 -26.07 -6.47 -18.55
N SER B 140 -27.08 -5.61 -18.49
CA SER B 140 -26.92 -4.19 -18.83
C SER B 140 -27.60 -3.35 -17.77
N LYS B 144 -25.80 2.74 -18.69
CA LYS B 144 -26.39 2.80 -20.03
C LYS B 144 -25.33 2.59 -21.12
N ASP B 145 -25.63 1.70 -22.09
CA ASP B 145 -24.76 1.28 -23.23
C ASP B 145 -23.53 0.44 -22.80
N GLU B 146 -23.40 0.11 -21.50
CA GLU B 146 -22.30 -0.70 -20.99
C GLU B 146 -22.78 -2.12 -20.60
N VAL B 147 -21.96 -3.13 -20.89
CA VAL B 147 -22.30 -4.52 -20.60
C VAL B 147 -21.51 -5.04 -19.40
N TYR B 148 -22.17 -5.81 -18.53
CA TYR B 148 -21.53 -6.37 -17.35
C TYR B 148 -21.47 -7.89 -17.43
N LEU B 149 -20.37 -8.48 -16.96
CA LEU B 149 -20.23 -9.93 -16.84
C LEU B 149 -20.58 -10.26 -15.38
N ASN B 150 -21.40 -11.27 -15.17
CA ASN B 150 -21.83 -11.67 -13.83
C ASN B 150 -21.38 -13.07 -13.60
N LEU B 151 -20.58 -13.32 -12.58
CA LEU B 151 -20.13 -14.65 -12.25
C LEU B 151 -20.93 -15.17 -11.05
N VAL B 152 -21.70 -16.24 -11.22
CA VAL B 152 -22.49 -16.82 -10.14
C VAL B 152 -21.66 -17.91 -9.49
N LEU B 153 -21.20 -17.65 -8.28
CA LEU B 153 -20.29 -18.54 -7.57
C LEU B 153 -20.92 -19.13 -6.36
N ASP B 154 -20.37 -20.25 -5.89
CA ASP B 154 -20.85 -20.90 -4.67
C ASP B 154 -20.61 -19.97 -3.48
N TYR B 155 -21.63 -19.76 -2.63
CA TYR B 155 -21.46 -18.86 -1.49
C TYR B 155 -20.65 -19.52 -0.33
N VAL B 156 -19.69 -18.77 0.20
CA VAL B 156 -18.87 -19.15 1.35
C VAL B 156 -19.02 -17.94 2.30
N PRO B 157 -19.47 -18.18 3.54
CA PRO B 157 -19.92 -17.04 4.38
C PRO B 157 -18.86 -16.16 5.05
N GLU B 158 -17.71 -16.69 5.36
CA GLU B 158 -16.68 -15.93 6.05
C GLU B 158 -15.40 -15.80 5.23
N THR B 159 -14.45 -15.00 5.72
CA THR B 159 -13.12 -14.82 5.13
C THR B 159 -12.07 -14.92 6.24
N VAL B 160 -10.82 -15.26 5.88
CA VAL B 160 -9.74 -15.29 6.86
C VAL B 160 -9.50 -13.89 7.43
N TYR B 161 -9.71 -12.83 6.64
CA TYR B 161 -9.53 -11.45 7.07
C TYR B 161 -10.46 -11.13 8.24
N ARG B 162 -11.76 -11.45 8.11
CA ARG B 162 -12.77 -11.19 9.12
C ARG B 162 -12.60 -12.05 10.36
N VAL B 163 -12.24 -13.33 10.21
CA VAL B 163 -12.02 -14.22 11.33
C VAL B 163 -10.80 -13.75 12.09
N ALA B 164 -9.68 -13.53 11.40
CA ALA B 164 -8.47 -13.06 12.06
C ALA B 164 -8.66 -11.70 12.76
N ARG B 165 -9.52 -10.85 12.23
CA ARG B 165 -9.79 -9.53 12.81
C ARG B 165 -10.59 -9.65 14.10
N HIS B 166 -11.51 -10.63 14.18
CA HIS B 166 -12.26 -10.86 15.40
C HIS B 166 -11.33 -11.30 16.52
N TYR B 167 -10.32 -12.13 16.22
CA TYR B 167 -9.34 -12.56 17.18
C TYR B 167 -8.40 -11.43 17.56
N SER B 168 -7.97 -10.62 16.59
CA SER B 168 -7.04 -9.51 16.85
C SER B 168 -7.65 -8.47 17.76
N ARG B 169 -8.90 -8.04 17.48
CA ARG B 169 -9.60 -7.08 18.31
C ARG B 169 -9.80 -7.61 19.73
N ALA B 170 -9.97 -8.95 19.89
CA ALA B 170 -10.12 -9.57 21.21
C ALA B 170 -8.78 -9.95 21.87
N LYS B 171 -7.67 -9.37 21.38
CA LYS B 171 -6.32 -9.59 21.88
C LYS B 171 -5.95 -11.07 22.00
N GLN B 172 -6.49 -11.92 21.11
CA GLN B 172 -6.18 -13.37 21.09
C GLN B 172 -5.80 -13.89 19.68
N THR B 173 -5.33 -15.14 19.60
CA THR B 173 -4.97 -15.73 18.31
C THR B 173 -5.81 -16.97 18.00
N LEU B 174 -5.96 -17.21 16.72
CA LEU B 174 -6.71 -18.33 16.20
C LEU B 174 -6.00 -19.65 16.61
N PRO B 175 -6.77 -20.60 17.18
CA PRO B 175 -6.15 -21.89 17.55
C PRO B 175 -5.35 -22.54 16.40
N VAL B 176 -4.13 -22.97 16.69
CA VAL B 176 -3.19 -23.52 15.72
C VAL B 176 -3.78 -24.65 14.89
N ILE B 177 -4.81 -25.39 15.37
CA ILE B 177 -5.44 -26.42 14.54
C ILE B 177 -6.08 -25.79 13.30
N TYR B 178 -6.66 -24.59 13.44
CA TYR B 178 -7.26 -23.83 12.35
C TYR B 178 -6.18 -23.24 11.44
N VAL B 179 -5.08 -22.74 11.99
CA VAL B 179 -3.96 -22.21 11.19
C VAL B 179 -3.43 -23.31 10.25
N LYS B 180 -3.33 -24.58 10.76
CA LYS B 180 -2.89 -25.73 9.96
C LYS B 180 -3.91 -26.05 8.88
N LEU B 181 -5.18 -26.20 9.24
CA LEU B 181 -6.22 -26.52 8.28
C LEU B 181 -6.32 -25.51 7.17
N TYR B 182 -6.37 -24.23 7.52
CA TYR B 182 -6.52 -23.17 6.53
C TYR B 182 -5.28 -23.09 5.66
N MET B 183 -4.08 -23.09 6.26
CA MET B 183 -2.86 -22.97 5.47
C MET B 183 -2.64 -24.14 4.55
N TYR B 184 -2.94 -25.36 5.03
CA TYR B 184 -2.83 -26.56 4.22
C TYR B 184 -3.72 -26.47 2.99
N GLN B 185 -4.97 -26.08 3.17
CA GLN B 185 -5.93 -25.95 2.08
C GLN B 185 -5.57 -24.84 1.11
N LEU B 186 -4.92 -23.77 1.58
CA LEU B 186 -4.49 -22.70 0.70
C LEU B 186 -3.34 -23.24 -0.20
N PHE B 187 -2.40 -23.99 0.40
CA PHE B 187 -1.30 -24.59 -0.35
C PHE B 187 -1.79 -25.58 -1.40
N ARG B 188 -2.87 -26.33 -1.13
CA ARG B 188 -3.47 -27.25 -2.12
C ARG B 188 -4.04 -26.49 -3.30
N SER B 189 -4.79 -25.40 -3.06
CA SER B 189 -5.33 -24.59 -4.14
C SER B 189 -4.17 -23.98 -4.98
N LEU B 190 -3.05 -23.62 -4.33
CA LEU B 190 -1.89 -23.08 -5.05
C LEU B 190 -1.19 -24.15 -5.87
N ALA B 191 -1.05 -25.39 -5.36
CA ALA B 191 -0.49 -26.51 -6.12
C ALA B 191 -1.35 -26.78 -7.34
N TYR B 192 -2.67 -26.68 -7.18
CA TYR B 192 -3.60 -26.88 -8.26
C TYR B 192 -3.46 -25.81 -9.34
N ILE B 193 -3.64 -24.50 -9.02
CA ILE B 193 -3.53 -23.47 -10.05
C ILE B 193 -2.12 -23.43 -10.67
N HIS B 194 -1.07 -23.60 -9.89
CA HIS B 194 0.30 -23.55 -10.38
C HIS B 194 0.61 -24.69 -11.33
N SER B 195 -0.11 -25.84 -11.21
CA SER B 195 0.12 -26.96 -12.13
C SER B 195 -0.31 -26.63 -13.56
N PHE B 196 -1.19 -25.64 -13.75
CA PHE B 196 -1.54 -25.15 -15.07
C PHE B 196 -0.73 -23.90 -15.45
N GLY B 197 0.27 -23.53 -14.67
CA GLY B 197 1.05 -22.30 -14.91
C GLY B 197 0.38 -21.01 -14.47
N ILE B 198 -0.82 -21.11 -13.84
CA ILE B 198 -1.58 -19.97 -13.37
C ILE B 198 -1.12 -19.47 -11.99
N CYS B 199 -0.84 -18.17 -11.92
CA CYS B 199 -0.43 -17.48 -10.71
C CYS B 199 -1.61 -16.63 -10.30
N HIS B 200 -2.06 -16.72 -9.02
CA HIS B 200 -3.19 -15.93 -8.51
C HIS B 200 -2.85 -14.43 -8.50
N ARG B 201 -1.64 -14.10 -8.02
CA ARG B 201 -1.10 -12.75 -7.96
C ARG B 201 -1.77 -11.80 -6.94
N ASP B 202 -2.70 -12.31 -6.09
CA ASP B 202 -3.34 -11.45 -5.10
C ASP B 202 -3.74 -12.22 -3.84
N ILE B 203 -2.82 -13.05 -3.34
CA ILE B 203 -3.07 -13.82 -2.16
C ILE B 203 -3.01 -12.87 -0.98
N LYS B 204 -4.08 -12.83 -0.22
CA LYS B 204 -4.26 -12.00 0.95
C LYS B 204 -5.46 -12.57 1.72
N PRO B 205 -5.55 -12.28 3.04
CA PRO B 205 -6.65 -12.84 3.85
C PRO B 205 -8.09 -12.61 3.36
N GLN B 206 -8.36 -11.51 2.68
CA GLN B 206 -9.71 -11.20 2.15
C GLN B 206 -10.12 -12.19 1.05
N ASN B 207 -9.14 -12.70 0.27
CA ASN B 207 -9.41 -13.64 -0.82
C ASN B 207 -9.42 -15.12 -0.38
N LEU B 208 -9.44 -15.39 0.93
CA LEU B 208 -9.47 -16.76 1.45
C LEU B 208 -10.81 -16.96 2.16
N LEU B 209 -11.79 -17.53 1.46
CA LEU B 209 -13.11 -17.75 2.04
C LEU B 209 -13.09 -18.95 2.98
N LEU B 210 -13.96 -18.93 3.99
CA LEU B 210 -14.07 -19.98 5.00
C LEU B 210 -15.51 -20.33 5.33
N ASP B 211 -15.77 -21.60 5.53
CA ASP B 211 -17.03 -22.05 6.12
C ASP B 211 -16.56 -22.43 7.51
N PRO B 212 -16.98 -21.65 8.52
CA PRO B 212 -16.46 -21.89 9.88
C PRO B 212 -16.86 -23.23 10.51
N ASP B 213 -18.02 -23.78 10.14
CA ASP B 213 -18.48 -25.04 10.70
C ASP B 213 -17.74 -26.25 10.16
N THR B 214 -17.45 -26.24 8.85
CA THR B 214 -16.74 -27.39 8.25
C THR B 214 -15.23 -27.21 8.18
N ALA B 215 -14.72 -25.97 8.45
CA ALA B 215 -13.31 -25.58 8.35
C ALA B 215 -12.75 -25.64 6.91
N VAL B 216 -13.65 -25.54 5.92
CA VAL B 216 -13.27 -25.55 4.52
C VAL B 216 -12.85 -24.13 4.09
N LEU B 217 -11.72 -24.03 3.37
CA LEU B 217 -11.17 -22.79 2.85
C LEU B 217 -11.24 -22.87 1.34
N LYS B 218 -11.66 -21.79 0.70
CA LYS B 218 -11.74 -21.73 -0.74
C LYS B 218 -11.11 -20.43 -1.22
N LEU B 219 -10.13 -20.55 -2.14
CA LEU B 219 -9.45 -19.42 -2.75
C LEU B 219 -10.43 -18.74 -3.70
N CYS B 220 -10.48 -17.42 -3.69
CA CYS B 220 -11.40 -16.66 -4.53
C CYS B 220 -10.71 -15.46 -5.16
N ASP B 221 -11.43 -14.66 -5.97
CA ASP B 221 -10.93 -13.48 -6.69
C ASP B 221 -9.77 -13.80 -7.67
N PHE B 222 -10.11 -14.24 -8.89
CA PHE B 222 -9.10 -14.49 -9.91
C PHE B 222 -8.98 -13.29 -10.88
N GLY B 223 -9.30 -12.09 -10.39
CA GLY B 223 -9.24 -10.86 -11.19
C GLY B 223 -7.84 -10.45 -11.57
N SER B 224 -6.82 -10.90 -10.83
CA SER B 224 -5.43 -10.61 -11.16
C SER B 224 -4.69 -11.82 -11.72
N ALA B 225 -5.28 -13.03 -11.66
CA ALA B 225 -4.68 -14.27 -12.08
C ALA B 225 -4.26 -14.23 -13.52
N LYS B 226 -3.16 -14.89 -13.83
CA LYS B 226 -2.61 -14.90 -15.16
C LYS B 226 -1.73 -16.13 -15.37
N GLN B 227 -1.77 -16.71 -16.58
CA GLN B 227 -0.92 -17.83 -16.94
C GLN B 227 0.48 -17.23 -17.17
N LEU B 228 1.45 -17.55 -16.30
CA LEU B 228 2.80 -17.02 -16.46
C LEU B 228 3.59 -17.90 -17.42
N VAL B 229 4.05 -17.33 -18.53
CA VAL B 229 4.83 -18.04 -19.52
C VAL B 229 6.27 -17.55 -19.47
N ARG B 230 7.25 -18.46 -19.43
CA ARG B 230 8.67 -18.07 -19.37
C ARG B 230 9.09 -17.20 -20.57
N GLY B 231 9.84 -16.14 -20.29
CA GLY B 231 10.26 -15.20 -21.32
C GLY B 231 9.24 -14.11 -21.61
N GLU B 232 8.05 -14.19 -21.01
CA GLU B 232 7.05 -13.15 -21.18
C GLU B 232 7.07 -12.22 -19.97
N PRO B 233 7.07 -10.91 -20.22
CA PRO B 233 7.06 -9.96 -19.09
C PRO B 233 5.65 -9.83 -18.48
N ASN B 234 5.61 -9.61 -17.17
CA ASN B 234 4.37 -9.46 -16.43
C ASN B 234 4.40 -8.18 -15.63
N VAL B 235 3.26 -7.52 -15.41
CA VAL B 235 3.22 -6.29 -14.62
C VAL B 235 3.68 -6.52 -13.17
N SER B 236 4.42 -5.58 -12.61
CA SER B 236 4.89 -5.70 -11.23
C SER B 236 3.96 -5.00 -10.22
N TYR B 237 2.89 -4.32 -10.67
CA TYR B 237 1.98 -3.59 -9.79
C TYR B 237 0.78 -4.40 -9.29
N ILE B 238 0.82 -5.72 -9.45
CA ILE B 238 -0.19 -6.61 -8.90
C ILE B 238 0.16 -6.90 -7.42
N CYS B 239 -0.79 -7.49 -6.67
CA CYS B 239 -0.58 -7.92 -5.29
C CYS B 239 -0.74 -6.78 -4.29
N SER B 240 -1.40 -7.05 -3.17
CA SER B 240 -1.69 -6.02 -2.17
C SER B 240 -0.56 -5.80 -1.21
N ARG B 241 -0.39 -4.52 -0.77
CA ARG B 241 0.58 -4.06 0.24
C ARG B 241 0.53 -4.97 1.46
N TYR B 242 1.69 -5.36 1.96
CA TYR B 242 1.89 -6.27 3.10
C TYR B 242 2.19 -7.69 2.60
N TYR B 243 1.63 -8.09 1.43
CA TYR B 243 1.77 -9.47 0.91
C TYR B 243 2.61 -9.59 -0.33
N ARG B 244 3.21 -8.48 -0.82
CA ARG B 244 4.04 -8.49 -2.02
C ARG B 244 5.41 -9.09 -1.75
N ALA B 245 5.83 -9.99 -2.63
CA ALA B 245 7.17 -10.60 -2.57
C ALA B 245 8.23 -9.50 -2.86
N PRO B 246 9.45 -9.59 -2.30
CA PRO B 246 10.44 -8.53 -2.51
C PRO B 246 10.81 -8.29 -3.97
N GLU B 247 10.76 -9.32 -4.84
CA GLU B 247 11.00 -9.10 -6.27
C GLU B 247 9.95 -8.18 -6.88
N LEU B 248 8.69 -8.22 -6.39
CA LEU B 248 7.64 -7.31 -6.89
C LEU B 248 7.92 -5.89 -6.40
N ILE B 249 8.37 -5.72 -5.14
CA ILE B 249 8.72 -4.40 -4.61
C ILE B 249 9.87 -3.81 -5.43
N PHE B 250 10.87 -4.64 -5.76
CA PHE B 250 11.99 -4.21 -6.60
C PHE B 250 11.65 -4.02 -8.09
N GLY B 251 10.38 -4.19 -8.47
CA GLY B 251 9.90 -3.95 -9.83
C GLY B 251 10.20 -4.99 -10.87
N ALA B 252 10.39 -6.26 -10.46
CA ALA B 252 10.65 -7.32 -11.42
C ALA B 252 9.45 -7.62 -12.26
N THR B 253 9.68 -7.85 -13.56
CA THR B 253 8.62 -8.25 -14.50
C THR B 253 8.83 -9.70 -15.00
N ASP B 254 9.85 -10.40 -14.48
CA ASP B 254 10.20 -11.78 -14.84
C ASP B 254 9.93 -12.79 -13.70
N TYR B 255 9.12 -12.41 -12.71
CA TYR B 255 8.81 -13.23 -11.57
C TYR B 255 8.01 -14.49 -11.96
N THR B 256 8.07 -15.49 -11.07
CA THR B 256 7.41 -16.78 -11.20
C THR B 256 6.17 -16.87 -10.24
N SER B 257 5.54 -18.05 -10.16
CA SER B 257 4.44 -18.37 -9.27
C SER B 257 4.85 -18.34 -7.79
N SER B 258 6.15 -18.30 -7.49
CA SER B 258 6.60 -18.24 -6.11
C SER B 258 6.24 -16.92 -5.43
N ILE B 259 5.72 -15.92 -6.17
CA ILE B 259 5.21 -14.70 -5.53
C ILE B 259 3.97 -15.08 -4.66
N ASP B 260 3.21 -16.11 -5.08
CA ASP B 260 2.06 -16.65 -4.33
C ASP B 260 2.50 -17.35 -3.07
N VAL B 261 3.67 -17.99 -3.08
CA VAL B 261 4.20 -18.69 -1.93
C VAL B 261 4.64 -17.69 -0.86
N TRP B 262 5.28 -16.58 -1.28
CA TRP B 262 5.66 -15.50 -0.35
C TRP B 262 4.39 -14.92 0.29
N SER B 263 3.34 -14.63 -0.52
CA SER B 263 2.07 -14.09 -0.02
C SER B 263 1.42 -15.01 0.99
N ALA B 264 1.47 -16.34 0.75
CA ALA B 264 0.94 -17.35 1.65
C ALA B 264 1.76 -17.38 2.95
N GLY B 265 3.08 -17.20 2.86
CA GLY B 265 3.94 -17.16 4.03
C GLY B 265 3.63 -15.94 4.90
N CYS B 266 3.22 -14.83 4.27
CA CYS B 266 2.80 -13.60 4.95
C CYS B 266 1.49 -13.86 5.70
N VAL B 267 0.57 -14.64 5.11
CA VAL B 267 -0.70 -14.98 5.72
C VAL B 267 -0.47 -15.89 6.92
N LEU B 268 0.40 -16.90 6.78
CA LEU B 268 0.73 -17.80 7.88
C LEU B 268 1.31 -17.03 9.08
N ALA B 269 2.34 -16.22 8.85
CA ALA B 269 2.97 -15.42 9.88
C ALA B 269 1.96 -14.47 10.55
N GLU B 270 1.03 -13.86 9.78
CA GLU B 270 0.01 -12.94 10.30
C GLU B 270 -0.98 -13.70 11.20
N LEU B 271 -1.32 -14.95 10.87
CA LEU B 271 -2.23 -15.74 11.72
C LEU B 271 -1.54 -16.14 13.04
N LEU B 272 -0.22 -16.37 13.00
CA LEU B 272 0.56 -16.69 14.18
C LEU B 272 0.78 -15.45 15.06
N LEU B 273 1.04 -14.29 14.45
CA LEU B 273 1.34 -13.05 15.19
C LEU B 273 0.12 -12.29 15.68
N GLY B 274 -0.94 -12.29 14.89
CA GLY B 274 -2.13 -11.50 15.18
C GLY B 274 -2.08 -10.11 14.53
N GLN B 275 -1.12 -9.90 13.62
CA GLN B 275 -0.93 -8.66 12.87
C GLN B 275 0.04 -8.92 11.68
N PRO B 276 -0.01 -8.08 10.62
CA PRO B 276 0.90 -8.30 9.48
C PRO B 276 2.39 -8.33 9.87
N ILE B 277 3.17 -9.27 9.32
CA ILE B 277 4.59 -9.37 9.63
C ILE B 277 5.43 -8.27 8.95
N PHE B 278 5.06 -7.87 7.72
CA PHE B 278 5.81 -6.82 7.00
C PHE B 278 4.93 -5.63 6.59
N PRO B 279 4.45 -4.83 7.54
CA PRO B 279 3.63 -3.65 7.16
C PRO B 279 4.47 -2.48 6.63
N GLY B 280 3.83 -1.48 6.10
CA GLY B 280 4.50 -0.29 5.60
C GLY B 280 3.67 0.32 4.50
N ASP B 281 3.56 1.65 4.49
CA ASP B 281 2.78 2.31 3.42
C ASP B 281 3.58 2.51 2.14
N SER B 282 4.90 2.38 2.18
CA SER B 282 5.72 2.45 0.99
C SER B 282 6.54 1.15 0.86
N GLY B 283 7.04 0.89 -0.35
CA GLY B 283 7.90 -0.25 -0.60
C GLY B 283 9.18 -0.19 0.21
N VAL B 284 9.74 1.01 0.41
CA VAL B 284 10.94 1.17 1.22
C VAL B 284 10.66 0.81 2.71
N ASP B 285 9.50 1.20 3.26
CA ASP B 285 9.12 0.83 4.63
C ASP B 285 8.94 -0.68 4.74
N GLN B 286 8.31 -1.30 3.70
CA GLN B 286 8.07 -2.75 3.63
C GLN B 286 9.40 -3.48 3.59
N LEU B 287 10.37 -2.98 2.78
CA LEU B 287 11.69 -3.60 2.71
C LEU B 287 12.46 -3.50 4.02
N VAL B 288 12.28 -2.44 4.80
CA VAL B 288 12.92 -2.30 6.12
C VAL B 288 12.39 -3.39 7.08
N GLU B 289 11.06 -3.69 7.04
CA GLU B 289 10.48 -4.72 7.91
C GLU B 289 10.93 -6.11 7.49
N ILE B 290 11.08 -6.34 6.18
CA ILE B 290 11.57 -7.60 5.65
C ILE B 290 13.01 -7.81 6.12
N ILE B 291 13.86 -6.79 5.92
CA ILE B 291 15.27 -6.83 6.32
C ILE B 291 15.45 -7.05 7.83
N LYS B 292 14.60 -6.45 8.68
CA LYS B 292 14.69 -6.66 10.13
C LYS B 292 14.57 -8.14 10.50
N VAL B 293 13.81 -8.92 9.73
CA VAL B 293 13.58 -10.32 10.03
C VAL B 293 14.52 -11.24 9.28
N LEU B 294 14.64 -11.06 7.98
CA LEU B 294 15.43 -11.91 7.10
C LEU B 294 16.91 -11.57 7.03
N GLY B 295 17.30 -10.42 7.53
CA GLY B 295 18.66 -9.93 7.37
C GLY B 295 18.83 -9.21 6.04
N THR B 296 19.99 -8.60 5.82
CA THR B 296 20.26 -7.86 4.59
C THR B 296 20.43 -8.82 3.41
N PRO B 297 19.77 -8.56 2.29
CA PRO B 297 19.92 -9.45 1.13
C PRO B 297 21.32 -9.34 0.53
N THR B 298 21.97 -10.49 0.26
CA THR B 298 23.30 -10.55 -0.35
C THR B 298 23.24 -10.02 -1.80
N ARG B 299 24.41 -9.82 -2.46
CA ARG B 299 24.44 -9.38 -3.86
C ARG B 299 23.79 -10.45 -4.75
N GLU B 300 24.07 -11.75 -4.45
CA GLU B 300 23.49 -12.89 -5.17
C GLU B 300 21.97 -12.91 -5.01
N GLN B 301 21.48 -12.68 -3.77
CA GLN B 301 20.05 -12.63 -3.48
C GLN B 301 19.35 -11.47 -4.19
N ILE B 302 19.97 -10.29 -4.20
CA ILE B 302 19.41 -9.13 -4.91
C ILE B 302 19.36 -9.41 -6.43
N ARG B 303 20.39 -10.09 -6.96
CA ARG B 303 20.45 -10.48 -8.38
C ARG B 303 19.33 -11.46 -8.72
N GLU B 304 19.10 -12.44 -7.84
CA GLU B 304 18.04 -13.45 -7.98
C GLU B 304 16.61 -12.87 -8.00
N MET B 305 16.39 -11.66 -7.44
CA MET B 305 15.08 -10.98 -7.45
C MET B 305 14.92 -10.02 -8.65
N TRP B 322 14.47 -15.89 13.83
CA TRP B 322 13.07 -16.17 13.52
C TRP B 322 12.30 -16.61 14.77
N THR B 323 12.98 -17.25 15.74
CA THR B 323 12.29 -17.72 16.96
C THR B 323 11.86 -16.53 17.83
N LYS B 324 12.66 -15.45 17.84
CA LYS B 324 12.36 -14.21 18.58
C LYS B 324 11.18 -13.40 17.96
N VAL B 325 10.75 -13.76 16.74
CA VAL B 325 9.67 -13.07 16.03
C VAL B 325 8.28 -13.39 16.60
N PHE B 326 8.04 -14.66 16.95
CA PHE B 326 6.72 -15.07 17.40
C PHE B 326 6.57 -15.21 18.93
N ARG B 327 5.31 -15.31 19.43
CA ARG B 327 5.02 -15.51 20.86
C ARG B 327 5.69 -16.81 21.36
N PRO B 328 6.01 -16.90 22.66
CA PRO B 328 6.80 -18.04 23.15
C PRO B 328 6.24 -19.45 22.88
N ARG B 329 4.91 -19.62 22.99
CA ARG B 329 4.31 -20.94 22.80
C ARG B 329 4.10 -21.36 21.33
N THR B 330 4.59 -20.56 20.36
CA THR B 330 4.40 -20.84 18.94
C THR B 330 5.13 -22.12 18.58
N PRO B 331 4.45 -23.07 17.91
CA PRO B 331 5.11 -24.32 17.54
C PRO B 331 6.37 -24.09 16.68
N PRO B 332 7.48 -24.78 17.00
CA PRO B 332 8.70 -24.59 16.20
C PRO B 332 8.57 -25.00 14.74
N GLU B 333 7.64 -25.94 14.43
CA GLU B 333 7.38 -26.39 13.06
C GLU B 333 6.75 -25.26 12.21
N ALA B 334 5.90 -24.41 12.84
CA ALA B 334 5.26 -23.25 12.22
C ALA B 334 6.31 -22.20 11.87
N ILE B 335 7.28 -21.98 12.78
CA ILE B 335 8.38 -21.04 12.57
C ILE B 335 9.28 -21.51 11.43
N ALA B 336 9.58 -22.84 11.40
CA ALA B 336 10.40 -23.48 10.36
C ALA B 336 9.72 -23.35 8.99
N LEU B 337 8.38 -23.49 8.94
CA LEU B 337 7.64 -23.35 7.70
C LEU B 337 7.71 -21.89 7.20
N CYS B 338 7.56 -20.88 8.08
CA CYS B 338 7.70 -19.47 7.67
C CYS B 338 9.07 -19.20 7.07
N SER B 339 10.15 -19.69 7.71
CA SER B 339 11.50 -19.45 7.21
C SER B 339 11.74 -20.02 5.81
N ARG B 340 11.01 -21.09 5.43
CA ARG B 340 11.09 -21.73 4.12
C ARG B 340 10.15 -21.14 3.05
N LEU B 341 9.18 -20.32 3.45
CA LEU B 341 8.29 -19.64 2.51
C LEU B 341 8.82 -18.23 2.25
N LEU B 342 9.20 -17.54 3.33
CA LEU B 342 9.67 -16.17 3.28
C LEU B 342 11.17 -16.08 3.10
N GLU B 343 11.61 -16.38 1.88
CA GLU B 343 13.01 -16.36 1.48
C GLU B 343 13.21 -15.36 0.35
N TYR B 344 14.34 -14.64 0.35
CA TYR B 344 14.64 -13.67 -0.72
C TYR B 344 14.72 -14.35 -2.09
N THR B 345 15.46 -15.46 -2.18
CA THR B 345 15.62 -16.16 -3.44
C THR B 345 14.35 -16.87 -3.85
N PRO B 346 13.71 -16.41 -4.94
CA PRO B 346 12.44 -17.04 -5.33
C PRO B 346 12.51 -18.54 -5.55
N THR B 347 13.63 -19.05 -6.06
CA THR B 347 13.77 -20.50 -6.27
C THR B 347 14.03 -21.26 -4.99
N ALA B 348 14.48 -20.58 -3.90
CA ALA B 348 14.73 -21.25 -2.61
C ALA B 348 13.46 -21.50 -1.82
N ARG B 349 12.38 -20.74 -2.10
CA ARG B 349 11.13 -20.94 -1.38
C ARG B 349 10.57 -22.34 -1.70
N LEU B 350 9.84 -22.94 -0.75
CA LEU B 350 9.15 -24.21 -1.00
C LEU B 350 8.13 -24.06 -2.12
N THR B 351 7.73 -25.17 -2.75
CA THR B 351 6.64 -25.14 -3.72
C THR B 351 5.39 -25.38 -2.87
N PRO B 352 4.19 -25.04 -3.35
CA PRO B 352 2.98 -25.31 -2.56
C PRO B 352 2.84 -26.76 -2.10
N LEU B 353 3.20 -27.71 -2.99
CA LEU B 353 3.10 -29.14 -2.70
C LEU B 353 4.12 -29.54 -1.64
N GLU B 354 5.32 -28.96 -1.69
CA GLU B 354 6.32 -29.22 -0.65
C GLU B 354 5.89 -28.64 0.68
N ALA B 355 5.13 -27.52 0.67
CA ALA B 355 4.65 -26.91 1.90
C ALA B 355 3.59 -27.82 2.52
N CYS B 356 2.69 -28.39 1.72
CA CYS B 356 1.68 -29.35 2.16
C CYS B 356 2.29 -30.51 2.96
N ALA B 357 3.49 -31.00 2.54
CA ALA B 357 4.20 -32.12 3.16
C ALA B 357 5.11 -31.74 4.30
N HIS B 358 5.10 -30.47 4.70
CA HIS B 358 5.91 -30.00 5.82
C HIS B 358 5.44 -30.63 7.12
N SER B 359 6.35 -30.78 8.10
CA SER B 359 6.01 -31.38 9.40
C SER B 359 4.96 -30.55 10.19
N PHE B 360 4.79 -29.24 9.88
CA PHE B 360 3.76 -28.43 10.53
C PHE B 360 2.36 -29.02 10.27
N PHE B 361 2.16 -29.69 9.13
CA PHE B 361 0.86 -30.29 8.81
C PHE B 361 0.73 -31.78 9.21
N ASP B 362 1.72 -32.37 9.93
CA ASP B 362 1.66 -33.78 10.34
C ASP B 362 0.40 -34.12 11.16
N GLU B 363 -0.03 -33.22 12.06
CA GLU B 363 -1.25 -33.40 12.84
C GLU B 363 -2.50 -33.66 11.95
N LEU B 364 -2.55 -33.03 10.74
CA LEU B 364 -3.67 -33.25 9.82
C LEU B 364 -3.67 -34.66 9.21
N ARG B 365 -2.50 -35.28 9.12
CA ARG B 365 -2.33 -36.64 8.60
C ARG B 365 -2.56 -37.72 9.67
N ASP B 366 -2.86 -37.35 10.93
CA ASP B 366 -3.15 -38.30 11.99
C ASP B 366 -4.57 -38.86 11.73
N PRO B 367 -4.74 -40.19 11.74
CA PRO B 367 -6.08 -40.76 11.49
C PRO B 367 -7.13 -40.39 12.54
N ASN B 368 -6.70 -40.01 13.74
CA ASN B 368 -7.63 -39.64 14.80
C ASN B 368 -7.95 -38.16 14.88
N VAL B 369 -7.41 -37.33 13.97
CA VAL B 369 -7.64 -35.89 14.00
C VAL B 369 -9.12 -35.53 13.73
N LYS B 370 -9.64 -34.61 14.55
CA LYS B 370 -11.00 -34.11 14.45
C LYS B 370 -11.00 -32.58 14.66
N LEU B 371 -12.10 -31.92 14.27
CA LEU B 371 -12.24 -30.49 14.52
C LEU B 371 -12.50 -30.26 16.02
N PRO B 372 -12.20 -29.07 16.58
CA PRO B 372 -12.56 -28.79 17.98
C PRO B 372 -14.06 -28.98 18.26
N ASN B 373 -14.93 -28.76 17.25
CA ASN B 373 -16.38 -28.96 17.39
C ASN B 373 -16.82 -30.42 17.31
N GLY B 374 -15.87 -31.37 17.32
CA GLY B 374 -16.17 -32.79 17.24
C GLY B 374 -16.32 -33.36 15.84
N ARG B 375 -16.61 -32.53 14.82
CA ARG B 375 -16.81 -33.00 13.45
C ARG B 375 -15.51 -33.52 12.79
N ASP B 376 -15.64 -34.23 11.66
CA ASP B 376 -14.45 -34.70 10.93
C ASP B 376 -13.81 -33.50 10.20
N THR B 377 -12.49 -33.57 9.94
CA THR B 377 -11.83 -32.54 9.17
C THR B 377 -12.31 -32.67 7.71
N PRO B 378 -12.26 -31.59 6.93
CA PRO B 378 -12.66 -31.70 5.51
C PRO B 378 -11.73 -32.64 4.72
N ALA B 379 -12.05 -32.88 3.44
CA ALA B 379 -11.22 -33.76 2.60
C ALA B 379 -9.84 -33.12 2.39
N LEU B 380 -8.77 -33.86 2.75
CA LEU B 380 -7.43 -33.32 2.67
C LEU B 380 -6.49 -34.12 1.79
N PHE B 381 -6.88 -35.35 1.41
CA PHE B 381 -5.95 -36.25 0.71
C PHE B 381 -6.44 -36.76 -0.63
N ASN B 382 -7.56 -36.24 -1.13
CA ASN B 382 -8.09 -36.61 -2.43
C ASN B 382 -7.30 -35.93 -3.56
N PHE B 383 -5.97 -36.13 -3.60
CA PHE B 383 -5.11 -35.54 -4.60
C PHE B 383 -5.32 -36.17 -5.97
N THR B 384 -5.30 -35.36 -7.03
CA THR B 384 -5.38 -35.86 -8.39
C THR B 384 -3.96 -35.92 -9.00
N THR B 385 -3.80 -36.58 -10.16
CA THR B 385 -2.50 -36.67 -10.84
C THR B 385 -2.05 -35.24 -11.23
N GLN B 386 -2.98 -34.41 -11.69
CA GLN B 386 -2.75 -33.01 -12.06
C GLN B 386 -2.17 -32.21 -10.88
N GLU B 387 -2.75 -32.37 -9.70
CA GLU B 387 -2.34 -31.71 -8.47
C GLU B 387 -0.95 -32.11 -8.02
N LEU B 388 -0.59 -33.38 -8.20
CA LEU B 388 0.72 -33.90 -7.80
C LEU B 388 1.82 -33.77 -8.86
N SER B 389 1.47 -33.38 -10.10
CA SER B 389 2.39 -33.33 -11.25
C SER B 389 3.72 -32.61 -11.01
N SER B 390 3.77 -31.60 -10.14
CA SER B 390 5.02 -30.91 -9.84
C SER B 390 6.08 -31.84 -9.21
N ASN B 391 5.63 -32.85 -8.43
CA ASN B 391 6.54 -33.77 -7.74
C ASN B 391 5.75 -35.03 -7.35
N PRO B 392 5.47 -35.95 -8.29
CA PRO B 392 4.68 -37.16 -7.97
C PRO B 392 5.18 -38.00 -6.77
N PRO B 393 6.52 -38.18 -6.52
CA PRO B 393 6.93 -38.92 -5.30
C PRO B 393 6.44 -38.35 -3.96
N LEU B 394 5.96 -37.10 -3.93
CA LEU B 394 5.47 -36.51 -2.68
C LEU B 394 4.19 -37.18 -2.15
N ALA B 395 3.51 -37.96 -2.99
CA ALA B 395 2.33 -38.70 -2.58
C ALA B 395 2.60 -39.66 -1.41
N THR B 396 3.86 -40.14 -1.24
CA THR B 396 4.23 -41.02 -0.12
C THR B 396 4.10 -40.31 1.24
N ILE B 397 4.18 -38.96 1.25
CA ILE B 397 4.00 -38.17 2.45
C ILE B 397 2.57 -37.61 2.47
N LEU B 398 2.13 -37.07 1.34
CA LEU B 398 0.83 -36.41 1.19
C LEU B 398 -0.38 -37.31 1.37
N ILE B 399 -0.33 -38.58 0.92
CA ILE B 399 -1.46 -39.49 1.14
C ILE B 399 -1.06 -40.45 2.25
N PRO B 400 -1.54 -40.23 3.48
CA PRO B 400 -1.10 -41.08 4.60
C PRO B 400 -1.59 -42.53 4.54
N PRO B 401 -0.94 -43.49 5.22
CA PRO B 401 -1.41 -44.91 5.17
C PRO B 401 -2.92 -45.16 5.32
N HIS B 402 -3.61 -44.51 6.31
CA HIS B 402 -5.05 -44.67 6.50
C HIS B 402 -5.89 -44.19 5.31
N ALA B 403 -5.37 -43.23 4.53
CA ALA B 403 -6.07 -42.70 3.36
C ALA B 403 -5.97 -43.68 2.14
N ARG B 404 -4.94 -44.54 2.16
CA ARG B 404 -4.64 -45.57 1.18
C ARG B 404 -5.43 -46.87 1.43
N ILE B 405 -6.04 -47.06 2.63
CA ILE B 405 -6.82 -48.26 2.96
C ILE B 405 -7.92 -48.54 1.92
N GLN B 406 -7.98 -49.80 1.42
CA GLN B 406 -8.94 -50.27 0.43
C GLN B 406 -10.35 -50.40 0.99
#